data_2GP4
#
_entry.id   2GP4
#
_cell.length_a   61.364
_cell.length_b   118.649
_cell.length_c   160.017
_cell.angle_alpha   90.00
_cell.angle_beta   90.00
_cell.angle_gamma   90.00
#
_symmetry.space_group_name_H-M   'P 21 21 21'
#
loop_
_entity.id
_entity.type
_entity.pdbx_description
1 polymer '6-phosphogluconate dehydratase'
2 water water
#
_entity_poly.entity_id   1
_entity_poly.type   'polypeptide(L)'
_entity_poly.pdbx_seq_one_letter_code
;(MSE)GSSHHHHHHSSGLVPRGSH(MSE)HSVVQSVTDRIIARSKASREAYLAALNDARNHGVHRSSLSCGNLAHGFAAC
NPDDKNALRQLTKANIGIITAFND(MSE)LSAHQPYETYPDLLKKACQEVGSVAQVAGGVPA(MSE)CDGVTQGQPG
(MSE)ELSLLSREVIA(MSE)ATAVGLSHN(MSE)FDGALLLGICDKIVPGLLIGALSFGHLP(MSE)LFVPAGP(MSE)
KSGIPNKEKARIRQQFAQGKVDRAQLLEAEAQSYHSAGTCTFYGTANSNQL(MSE)LEV(MSE)GLQLPGSSFVNPDDPL
REALNK(MSE)AAKQVCRLTELGTQYSPIGEVVNEKSIVNGIVALLATGGSTNLT(MSE)HIVAAARAAGIIVNWDDFSE
LSDAVPLLARVYPNGHADINHFHAAGG(MSE)AFLIKELLDAGLLHEDVNTVAGYGLRRYTQEPKLLDGELRWVDGPTVS
LDTEVLTSVATPFQNNGGLKLLKGNLGRAVIKVSAVQPQHRVVEAPAVVIDDQNKLDALFKSGALDRDCVVVVKGQGPKA
NG(MSE)PELHKLTPLLGSLQDKGFKVAL(MSE)TDGR(MSE)SGASGKVPAAIHLTPEAIDGGLIAKVQDGDLIRVDAL
TGELSLLVSDTELATRTATEIDLRHSRYG(MSE)GRELFGVLRSNLSSPETGARSTSAIDELY
;
_entity_poly.pdbx_strand_id   A,B
#
# COMPACT_ATOMS: atom_id res chain seq x y z
N HIS A 20 -2.99 -16.90 0.45
CA HIS A 20 -4.03 -15.83 0.43
C HIS A 20 -3.64 -14.62 1.29
N MSE A 21 -2.47 -14.06 1.00
CA MSE A 21 -1.94 -12.93 1.76
C MSE A 21 -2.65 -11.61 1.44
O MSE A 21 -3.09 -11.39 0.32
CB MSE A 21 -0.43 -12.78 1.52
CG MSE A 21 0.43 -13.93 2.03
SE MSE A 21 0.32 -14.17 3.96
CE MSE A 21 1.18 -12.53 4.54
N HIS A 22 -2.75 -10.77 2.45
CA HIS A 22 -3.23 -9.40 2.31
C HIS A 22 -2.28 -8.65 1.37
N SER A 23 -2.85 -7.94 0.39
CA SER A 23 -2.08 -7.32 -0.69
C SER A 23 -0.94 -6.38 -0.22
N VAL A 24 -1.16 -5.66 0.88
CA VAL A 24 -0.16 -4.75 1.42
C VAL A 24 1.04 -5.48 2.03
N VAL A 25 0.76 -6.54 2.79
CA VAL A 25 1.80 -7.34 3.39
C VAL A 25 2.58 -8.10 2.31
N GLN A 26 1.87 -8.59 1.30
CA GLN A 26 2.53 -9.26 0.20
C GLN A 26 3.43 -8.29 -0.57
N SER A 27 2.91 -7.08 -0.81
CA SER A 27 3.64 -6.04 -1.53
C SER A 27 4.92 -5.63 -0.81
N VAL A 28 4.82 -5.38 0.49
CA VAL A 28 5.93 -4.92 1.29
C VAL A 28 6.99 -6.02 1.43
N THR A 29 6.54 -7.25 1.61
CA THR A 29 7.42 -8.42 1.63
C THR A 29 8.22 -8.53 0.35
N ASP A 30 7.54 -8.47 -0.80
CA ASP A 30 8.20 -8.52 -2.11
C ASP A 30 9.23 -7.40 -2.29
N ARG A 31 8.89 -6.20 -1.80
CA ARG A 31 9.80 -5.06 -1.89
C ARG A 31 11.08 -5.32 -1.11
N ILE A 32 10.94 -5.92 0.06
CA ILE A 32 12.07 -6.25 0.93
C ILE A 32 12.93 -7.34 0.30
N ILE A 33 12.28 -8.35 -0.28
CA ILE A 33 12.99 -9.42 -0.99
C ILE A 33 13.83 -8.84 -2.13
N ALA A 34 13.23 -7.94 -2.91
CA ALA A 34 13.91 -7.31 -4.05
C ALA A 34 15.09 -6.49 -3.59
N ARG A 35 14.89 -5.72 -2.52
CA ARG A 35 15.90 -4.80 -2.03
C ARG A 35 17.05 -5.54 -1.33
N SER A 36 16.76 -6.73 -0.81
CA SER A 36 17.74 -7.54 -0.10
C SER A 36 18.41 -8.59 -1.00
N LYS A 37 17.97 -8.66 -2.26
CA LYS A 37 18.41 -9.65 -3.24
C LYS A 37 19.90 -10.01 -3.17
N ALA A 38 20.77 -9.01 -3.34
CA ALA A 38 22.21 -9.22 -3.35
C ALA A 38 22.75 -9.58 -1.97
N SER A 39 22.41 -8.78 -0.97
CA SER A 39 22.86 -8.99 0.40
C SER A 39 22.41 -10.35 0.95
N ARG A 40 21.16 -10.72 0.71
CA ARG A 40 20.65 -12.02 1.15
C ARG A 40 21.36 -13.20 0.45
N GLU A 41 21.62 -13.05 -0.85
CA GLU A 41 22.36 -14.07 -1.59
C GLU A 41 23.77 -14.28 -1.04
N ALA A 42 24.42 -13.18 -0.65
CA ALA A 42 25.78 -13.22 -0.13
C ALA A 42 25.83 -13.83 1.28
N TYR A 43 24.83 -13.50 2.09
CA TYR A 43 24.69 -14.07 3.42
C TYR A 43 24.56 -15.59 3.34
N LEU A 44 23.60 -16.07 2.53
CA LEU A 44 23.40 -17.52 2.37
C LEU A 44 24.58 -18.24 1.73
N ALA A 45 25.30 -17.56 0.84
CA ALA A 45 26.53 -18.12 0.26
C ALA A 45 27.61 -18.32 1.33
N ALA A 46 27.77 -17.32 2.20
CA ALA A 46 28.74 -17.39 3.30
C ALA A 46 28.38 -18.49 4.29
N LEU A 47 27.10 -18.59 4.62
CA LEU A 47 26.57 -19.67 5.48
C LEU A 47 26.92 -21.05 4.92
N ASN A 48 26.83 -21.20 3.60
CA ASN A 48 27.21 -22.44 2.93
C ASN A 48 28.72 -22.69 2.98
N ASP A 49 29.50 -21.62 2.88
CA ASP A 49 30.95 -21.70 3.05
C ASP A 49 31.29 -22.12 4.48
N ALA A 50 30.53 -21.60 5.44
CA ALA A 50 30.67 -21.94 6.85
C ALA A 50 30.35 -23.41 7.12
N ARG A 51 29.38 -23.94 6.36
CA ARG A 51 29.06 -25.37 6.41
C ARG A 51 30.19 -26.23 5.86
N ASN A 52 30.72 -25.84 4.69
CA ASN A 52 31.77 -26.58 4.01
C ASN A 52 33.08 -26.68 4.79
N HIS A 53 33.12 -26.05 5.95
CA HIS A 53 34.29 -26.09 6.83
C HIS A 53 34.11 -27.09 7.98
N LEU A 110 17.57 -19.51 35.50
CA LEU A 110 16.25 -19.58 36.13
C LEU A 110 15.84 -18.22 36.71
N LEU A 111 16.81 -17.53 37.32
CA LEU A 111 16.59 -16.21 37.90
C LEU A 111 16.78 -15.10 36.86
N LYS A 112 17.25 -15.48 35.68
CA LYS A 112 17.40 -14.57 34.54
C LYS A 112 16.04 -14.08 34.04
N GLN A 116 20.29 -11.69 39.63
CA GLN A 116 19.47 -10.61 39.07
C GLN A 116 19.98 -10.20 37.70
N GLU A 117 20.58 -11.16 36.99
CA GLU A 117 21.07 -11.00 35.61
C GLU A 117 22.09 -12.10 35.26
N VAL A 118 21.59 -13.23 34.76
CA VAL A 118 22.44 -14.35 34.30
C VAL A 118 21.98 -14.87 32.93
N GLY A 119 22.34 -14.14 31.87
CA GLY A 119 22.00 -14.52 30.50
C GLY A 119 23.19 -15.17 29.82
N SER A 120 22.99 -16.37 29.28
CA SER A 120 24.10 -17.17 28.74
C SER A 120 23.77 -17.92 27.45
N VAL A 121 24.82 -18.36 26.77
CA VAL A 121 24.71 -19.08 25.51
C VAL A 121 25.21 -20.50 25.71
N ALA A 122 24.29 -21.46 25.72
CA ALA A 122 24.64 -22.87 25.86
C ALA A 122 24.78 -23.49 24.47
N GLN A 123 25.77 -24.37 24.32
CA GLN A 123 26.07 -24.92 23.00
C GLN A 123 25.98 -26.45 22.96
N VAL A 124 25.56 -26.98 21.82
CA VAL A 124 25.18 -28.40 21.70
C VAL A 124 26.19 -29.24 20.91
N ALA A 125 26.39 -30.47 21.37
CA ALA A 125 27.24 -31.48 20.73
C ALA A 125 28.65 -30.99 20.41
N GLY A 127 25.88 -30.92 25.59
CA GLY A 127 25.59 -29.63 26.17
C GLY A 127 26.74 -29.08 27.01
N VAL A 128 27.18 -27.86 26.68
CA VAL A 128 28.23 -27.13 27.42
C VAL A 128 27.91 -25.63 27.42
N PRO A 129 27.90 -24.99 28.60
CA PRO A 129 27.56 -23.56 28.66
C PRO A 129 28.70 -22.64 28.25
N CYS A 132 27.75 -14.18 29.28
CA CYS A 132 27.14 -13.17 28.43
C CYS A 132 26.48 -12.05 29.22
N ASP A 133 26.58 -10.84 28.67
CA ASP A 133 26.25 -9.59 29.36
C ASP A 133 24.74 -9.32 29.51
N GLY A 134 24.37 -8.79 30.68
CA GLY A 134 22.96 -8.57 31.03
C GLY A 134 22.35 -7.28 30.55
N VAL A 135 21.65 -6.57 31.43
CA VAL A 135 21.01 -5.29 31.08
C VAL A 135 21.75 -4.07 31.64
N THR A 136 21.39 -2.88 31.17
CA THR A 136 21.93 -1.62 31.70
C THR A 136 20.96 -0.45 31.57
N GLN A 137 20.21 -0.19 32.65
CA GLN A 137 19.25 0.91 32.68
C GLN A 137 19.32 1.68 34.00
N GLY A 138 20.44 2.36 34.23
CA GLY A 138 20.58 3.21 35.41
C GLY A 138 19.91 4.57 35.19
N GLN A 139 20.66 5.63 35.47
CA GLN A 139 20.26 6.99 35.11
C GLN A 139 21.19 7.47 33.98
N PRO A 140 22.50 7.68 34.27
CA PRO A 140 23.48 7.77 33.17
C PRO A 140 23.84 6.39 32.60
N GLY A 141 23.58 5.33 33.37
CA GLY A 141 23.71 3.96 32.88
C GLY A 141 22.75 3.65 31.74
N MSE A 142 21.68 4.43 31.65
CA MSE A 142 20.70 4.32 30.57
C MSE A 142 21.33 4.68 29.22
O MSE A 142 20.85 4.25 28.17
CB MSE A 142 19.45 5.16 30.91
CG MSE A 142 18.34 5.17 29.86
SE MSE A 142 17.69 3.41 29.35
CE MSE A 142 17.72 3.64 27.41
N GLU A 143 22.42 5.44 29.25
CA GLU A 143 23.16 5.81 28.03
C GLU A 143 24.01 4.66 27.46
N LEU A 144 24.02 3.52 28.15
CA LEU A 144 24.72 2.31 27.67
C LEU A 144 23.76 1.20 27.19
N SER A 145 22.46 1.43 27.37
CA SER A 145 21.43 0.44 27.09
C SER A 145 21.40 -0.06 25.64
N LEU A 146 21.43 0.88 24.70
CA LEU A 146 21.47 0.52 23.29
C LEU A 146 22.83 -0.12 22.98
N LEU A 147 23.89 0.49 23.50
CA LEU A 147 25.25 0.01 23.29
C LEU A 147 25.48 -1.40 23.81
N SER A 148 24.75 -1.80 24.85
CA SER A 148 24.88 -3.15 25.41
C SER A 148 24.38 -4.26 24.47
N ARG A 149 23.47 -3.91 23.57
CA ARG A 149 23.05 -4.84 22.52
C ARG A 149 24.25 -5.24 21.66
N GLU A 150 25.04 -4.25 21.27
CA GLU A 150 26.23 -4.49 20.46
C GLU A 150 27.25 -5.33 21.23
N VAL A 151 27.38 -5.05 22.53
CA VAL A 151 28.28 -5.80 23.40
C VAL A 151 27.83 -7.25 23.52
N ILE A 152 26.54 -7.48 23.73
CA ILE A 152 25.94 -8.83 23.80
C ILE A 152 26.15 -9.62 22.49
N ALA A 153 25.94 -8.95 21.35
CA ALA A 153 26.21 -9.52 20.03
C ALA A 153 27.66 -10.01 19.88
N MSE A 154 28.60 -9.17 20.32
CA MSE A 154 30.02 -9.51 20.24
C MSE A 154 30.37 -10.63 21.20
O MSE A 154 31.11 -11.54 20.85
CB MSE A 154 30.89 -8.28 20.52
CG MSE A 154 30.66 -7.17 19.53
SE MSE A 154 31.72 -5.59 19.89
CE MSE A 154 32.97 -5.76 18.44
N ALA A 155 29.82 -10.55 22.41
CA ALA A 155 30.06 -11.57 23.44
C ALA A 155 29.53 -12.94 23.01
N THR A 156 28.40 -12.95 22.29
CA THR A 156 27.83 -14.16 21.71
C THR A 156 28.79 -14.76 20.68
N ALA A 157 29.32 -13.90 19.82
CA ALA A 157 30.28 -14.30 18.78
C ALA A 157 31.52 -14.95 19.38
N VAL A 158 32.03 -14.39 20.48
CA VAL A 158 33.18 -14.96 21.19
C VAL A 158 32.87 -16.37 21.71
N GLY A 159 31.70 -16.54 22.31
CA GLY A 159 31.26 -17.84 22.81
C GLY A 159 31.14 -18.87 21.71
N LEU A 160 30.54 -18.48 20.59
CA LEU A 160 30.35 -19.38 19.46
C LEU A 160 31.61 -19.62 18.63
N SER A 161 32.62 -18.76 18.78
CA SER A 161 33.83 -18.85 17.96
C SER A 161 34.75 -20.03 18.31
N HIS A 162 34.36 -20.81 19.31
CA HIS A 162 35.07 -22.06 19.66
C HIS A 162 34.76 -23.17 18.65
N ASN A 163 33.67 -22.97 17.90
CA ASN A 163 33.34 -23.78 16.71
C ASN A 163 33.37 -25.30 16.89
N MSE A 164 32.79 -25.77 17.98
CA MSE A 164 32.69 -27.21 18.21
C MSE A 164 31.24 -27.60 18.48
O MSE A 164 30.95 -28.62 19.10
CB MSE A 164 33.61 -27.64 19.34
CG MSE A 164 35.07 -27.69 18.93
SE MSE A 164 36.22 -27.37 20.45
CE MSE A 164 36.11 -29.12 21.30
N PHE A 165 30.34 -26.76 17.99
CA PHE A 165 28.93 -26.92 18.22
C PHE A 165 28.22 -27.24 16.92
N ASP A 166 27.33 -28.22 16.99
CA ASP A 166 26.50 -28.59 15.86
C ASP A 166 25.20 -27.79 15.91
N GLY A 167 24.96 -27.17 17.06
CA GLY A 167 23.82 -26.30 17.29
C GLY A 167 23.99 -25.60 18.62
N ALA A 168 23.05 -24.73 18.96
CA ALA A 168 23.15 -23.96 20.19
C ALA A 168 21.81 -23.64 20.85
N LEU A 169 21.88 -23.26 22.12
CA LEU A 169 20.73 -22.81 22.88
C LEU A 169 20.99 -21.43 23.48
N LEU A 170 20.01 -20.55 23.39
CA LEU A 170 20.16 -19.18 23.85
C LEU A 170 19.20 -18.86 24.97
N LEU A 171 19.75 -18.45 26.12
CA LEU A 171 18.97 -18.16 27.32
C LEU A 171 18.92 -16.66 27.60
N GLY A 172 17.88 -15.99 27.09
CA GLY A 172 17.82 -14.53 27.17
C GLY A 172 16.49 -13.93 27.58
N ILE A 173 16.56 -12.80 28.27
CA ILE A 173 15.39 -12.13 28.84
C ILE A 173 14.51 -11.50 27.77
N CYS A 174 14.80 -10.24 27.41
CA CYS A 174 13.97 -9.47 26.49
C CYS A 174 14.57 -8.09 26.22
N ASP A 175 13.96 -7.36 25.27
CA ASP A 175 14.27 -5.96 24.94
C ASP A 175 15.71 -5.66 24.54
N LYS A 176 16.60 -5.56 25.53
CA LYS A 176 18.02 -5.32 25.28
C LYS A 176 18.73 -6.65 24.98
N ILE A 177 18.38 -7.66 25.76
CA ILE A 177 18.84 -9.01 25.50
C ILE A 177 17.79 -9.68 24.61
N VAL A 178 18.24 -10.62 23.78
CA VAL A 178 17.47 -11.24 22.70
C VAL A 178 17.91 -10.64 21.36
N PRO A 179 17.69 -9.33 21.13
CA PRO A 179 18.17 -8.79 19.85
C PRO A 179 19.68 -8.90 19.70
N GLY A 180 20.40 -8.63 20.80
CA GLY A 180 21.85 -8.80 20.84
C GLY A 180 22.27 -10.24 20.60
N LEU A 181 21.61 -11.17 21.27
CA LEU A 181 21.86 -12.60 21.07
C LEU A 181 21.55 -12.98 19.62
N LEU A 182 20.40 -12.51 19.11
CA LEU A 182 19.97 -12.80 17.74
C LEU A 182 21.02 -12.33 16.74
N ILE A 183 21.42 -11.07 16.84
CA ILE A 183 22.45 -10.49 15.97
C ILE A 183 23.72 -11.35 15.97
N GLY A 184 24.22 -11.65 17.17
CA GLY A 184 25.41 -12.47 17.33
C GLY A 184 25.24 -13.86 16.75
N ALA A 185 24.05 -14.44 16.99
CA ALA A 185 23.72 -15.77 16.49
C ALA A 185 23.75 -15.83 14.97
N LEU A 186 23.24 -14.80 14.30
CA LEU A 186 23.21 -14.78 12.84
C LEU A 186 24.61 -14.75 12.19
N SER A 187 25.64 -14.39 12.96
CA SER A 187 27.02 -14.57 12.50
C SER A 187 27.36 -16.04 12.33
N PHE A 188 26.65 -16.89 13.06
CA PHE A 188 26.83 -18.34 12.98
C PHE A 188 25.54 -18.95 12.43
N GLY A 189 25.01 -18.30 11.41
CA GLY A 189 23.70 -18.61 10.85
C GLY A 189 23.51 -20.00 10.28
N HIS A 190 24.62 -20.72 10.08
CA HIS A 190 24.60 -22.09 9.55
C HIS A 190 24.20 -23.12 10.61
N LEU A 191 24.31 -22.75 11.88
CA LEU A 191 23.93 -23.62 12.98
C LEU A 191 22.42 -23.50 13.25
N PRO A 192 21.76 -24.64 13.58
CA PRO A 192 20.41 -24.56 14.12
C PRO A 192 20.46 -24.08 15.57
N MSE A 193 19.49 -23.26 15.96
CA MSE A 193 19.42 -22.74 17.32
C MSE A 193 17.98 -22.53 17.76
O MSE A 193 17.09 -22.30 16.93
CB MSE A 193 20.20 -21.43 17.43
CG MSE A 193 21.70 -21.57 17.25
SE MSE A 193 22.54 -19.84 17.34
CE MSE A 193 24.26 -20.25 16.56
N LEU A 194 17.78 -22.61 19.07
CA LEU A 194 16.50 -22.28 19.68
C LEU A 194 16.71 -21.35 20.85
N PHE A 195 15.83 -20.37 20.97
CA PHE A 195 15.75 -19.55 22.17
C PHE A 195 14.98 -20.31 23.25
N VAL A 196 15.48 -20.27 24.48
CA VAL A 196 14.88 -20.96 25.61
C VAL A 196 14.48 -19.94 26.67
N PRO A 197 13.19 -19.56 26.70
CA PRO A 197 12.74 -18.51 27.61
C PRO A 197 12.58 -18.99 29.05
N ALA A 198 12.72 -18.06 29.99
CA ALA A 198 12.56 -18.35 31.41
C ALA A 198 11.09 -18.23 31.84
N GLY A 199 10.38 -17.31 31.18
CA GLY A 199 9.00 -16.99 31.54
C GLY A 199 8.88 -15.59 32.10
N PRO A 200 7.67 -15.21 32.54
CA PRO A 200 7.47 -13.89 33.13
C PRO A 200 7.74 -13.87 34.63
N GLY A 220 2.99 -14.19 45.40
CA GLY A 220 1.83 -14.44 44.56
C GLY A 220 1.24 -15.83 44.76
N LYS A 221 -0.05 -15.96 44.46
CA LYS A 221 -0.76 -17.24 44.55
C LYS A 221 -0.66 -18.05 43.23
N VAL A 222 0.53 -18.60 42.98
CA VAL A 222 0.85 -19.27 41.69
C VAL A 222 0.12 -20.61 41.46
N ASP A 223 -0.91 -20.86 42.26
CA ASP A 223 -1.70 -22.09 42.23
C ASP A 223 -2.43 -22.32 40.90
N ARG A 224 -3.05 -21.27 40.37
CA ARG A 224 -3.95 -21.34 39.22
C ARG A 224 -3.23 -21.63 37.90
N ALA A 225 -2.17 -20.87 37.62
CA ALA A 225 -1.38 -21.00 36.39
C ALA A 225 -0.82 -22.40 36.21
N GLN A 226 -0.51 -23.06 37.33
CA GLN A 226 -0.03 -24.44 37.32
C GLN A 226 -1.15 -25.44 37.02
N LEU A 227 -2.32 -25.22 37.60
CA LEU A 227 -3.48 -26.04 37.30
C LEU A 227 -3.81 -25.98 35.80
N LEU A 228 -3.71 -24.79 35.21
CA LEU A 228 -3.98 -24.59 33.77
C LEU A 228 -2.98 -25.32 32.89
N GLU A 229 -1.70 -25.27 33.28
CA GLU A 229 -0.62 -25.92 32.52
C GLU A 229 -0.85 -27.42 32.42
N ALA A 230 -1.59 -27.97 33.40
CA ALA A 230 -1.71 -29.41 33.56
C ALA A 230 -3.13 -29.96 33.33
N GLU A 231 -4.00 -29.19 32.70
CA GLU A 231 -5.39 -29.62 32.40
C GLU A 231 -6.42 -29.33 33.50
N ALA A 232 -5.96 -29.22 34.74
CA ALA A 232 -6.84 -29.13 35.91
C ALA A 232 -7.91 -28.05 35.81
N GLN A 233 -7.54 -26.89 35.25
CA GLN A 233 -8.47 -25.77 35.09
C GLN A 233 -8.53 -25.24 33.66
N SER A 234 -9.69 -24.70 33.29
CA SER A 234 -9.87 -24.12 31.96
C SER A 234 -9.39 -22.67 31.91
N TYR A 235 -9.30 -22.15 30.69
CA TYR A 235 -8.99 -20.76 30.40
C TYR A 235 -9.88 -19.77 31.19
N HIS A 236 -11.15 -20.15 31.39
CA HIS A 236 -12.11 -19.34 32.15
C HIS A 236 -11.57 -18.98 33.53
N SER A 237 -11.04 -19.98 34.22
CA SER A 237 -10.55 -19.85 35.60
C SER A 237 -9.23 -19.11 35.69
N ALA A 238 -8.35 -19.32 34.73
CA ALA A 238 -7.09 -18.61 34.68
C ALA A 238 -7.33 -17.13 34.41
N GLY A 239 -8.19 -16.84 33.44
CA GLY A 239 -8.55 -15.49 33.07
C GLY A 239 -9.08 -14.66 34.22
N THR A 240 -10.02 -15.23 34.97
CA THR A 240 -10.67 -14.51 36.05
C THR A 240 -9.77 -14.16 37.23
N CYS A 241 -8.77 -15.00 37.52
CA CYS A 241 -7.90 -14.73 38.65
C CYS A 241 -6.72 -13.82 38.33
N THR A 242 -6.33 -13.76 37.05
CA THR A 242 -5.37 -12.76 36.61
C THR A 242 -6.07 -11.40 36.41
N PHE A 243 -7.37 -11.44 36.14
CA PHE A 243 -8.19 -10.25 36.01
C PHE A 243 -8.27 -9.47 37.32
N TYR A 244 -8.25 -10.17 38.45
CA TYR A 244 -8.15 -9.54 39.75
C TYR A 244 -6.69 -9.15 40.00
N GLY A 245 -6.26 -8.04 39.40
CA GLY A 245 -4.87 -7.55 39.50
C GLY A 245 -4.47 -7.14 40.90
N GLN A 251 10.08 -11.11 23.70
CA GLN A 251 9.88 -12.54 23.52
C GLN A 251 8.67 -12.88 22.63
N LEU A 252 7.78 -11.91 22.43
CA LEU A 252 6.66 -12.05 21.49
C LEU A 252 7.16 -12.10 20.04
N MSE A 253 8.26 -11.39 19.78
CA MSE A 253 8.90 -11.41 18.46
C MSE A 253 9.46 -12.79 18.15
O MSE A 253 9.29 -13.29 17.03
CB MSE A 253 10.01 -10.34 18.38
CG MSE A 253 10.56 -10.11 16.98
SE MSE A 253 12.42 -9.42 16.89
CE MSE A 253 13.34 -10.75 17.98
N LEU A 254 10.10 -13.43 19.11
CA LEU A 254 10.66 -14.77 18.93
C LEU A 254 9.57 -15.82 18.67
N GLU A 255 8.36 -15.54 19.14
CA GLU A 255 7.22 -16.43 18.97
C GLU A 255 6.71 -16.43 17.53
N VAL A 256 6.45 -15.25 16.97
CA VAL A 256 5.93 -15.13 15.59
C VAL A 256 6.97 -15.51 14.53
N MSE A 257 8.24 -15.33 14.87
CA MSE A 257 9.34 -15.64 13.98
C MSE A 257 9.78 -17.10 14.10
O MSE A 257 10.72 -17.53 13.43
CB MSE A 257 10.52 -14.71 14.26
CG MSE A 257 10.24 -13.26 13.88
SE MSE A 257 11.77 -12.10 14.15
CE MSE A 257 13.06 -13.08 13.04
N GLY A 258 9.09 -17.86 14.95
CA GLY A 258 9.33 -19.29 15.12
C GLY A 258 10.72 -19.61 15.62
N LEU A 259 11.23 -18.79 16.54
CA LEU A 259 12.59 -18.93 17.05
C LEU A 259 12.64 -19.61 18.42
N GLN A 260 11.47 -19.90 18.98
CA GLN A 260 11.36 -20.67 20.21
C GLN A 260 10.13 -21.57 20.13
N LEU A 261 10.06 -22.58 20.99
CA LEU A 261 8.90 -23.48 21.04
C LEU A 261 7.58 -22.73 21.24
N PRO A 262 6.53 -23.13 20.50
CA PRO A 262 5.20 -22.53 20.61
C PRO A 262 4.71 -22.46 22.06
N GLY A 263 4.29 -21.27 22.48
CA GLY A 263 3.75 -21.03 23.81
C GLY A 263 4.71 -21.22 24.96
N SER A 264 6.01 -21.25 24.67
CA SER A 264 7.02 -21.50 25.70
C SER A 264 7.36 -20.29 26.58
N SER A 265 7.09 -19.08 26.10
CA SER A 265 7.50 -17.87 26.82
C SER A 265 6.57 -17.46 27.96
N PHE A 266 5.40 -18.09 28.04
CA PHE A 266 4.38 -17.70 29.02
C PHE A 266 4.23 -18.67 30.17
N VAL A 267 5.05 -19.72 30.19
CA VAL A 267 5.05 -20.67 31.27
C VAL A 267 5.82 -20.07 32.45
N ASN A 268 5.22 -20.15 33.64
CA ASN A 268 5.84 -19.67 34.86
C ASN A 268 7.16 -20.40 35.08
N PRO A 269 8.20 -19.69 35.57
CA PRO A 269 9.53 -20.29 35.77
C PRO A 269 9.57 -21.56 36.64
N ASP A 270 8.84 -21.56 37.76
CA ASP A 270 8.89 -22.67 38.72
C ASP A 270 8.02 -23.88 38.34
N ASP A 271 7.39 -23.81 37.18
CA ASP A 271 6.46 -24.86 36.74
C ASP A 271 7.15 -26.10 36.17
N PRO A 272 6.63 -27.30 36.50
CA PRO A 272 7.14 -28.52 35.87
C PRO A 272 6.95 -28.59 34.35
N LEU A 273 6.02 -27.80 33.81
CA LEU A 273 5.89 -27.66 32.36
C LEU A 273 7.11 -26.95 31.78
N ARG A 274 7.53 -25.86 32.44
CA ARG A 274 8.77 -25.16 32.10
C ARG A 274 9.96 -26.12 32.10
N GLU A 275 10.01 -27.03 33.06
CA GLU A 275 11.07 -28.03 33.07
C GLU A 275 11.00 -28.92 31.83
N ALA A 276 9.80 -29.35 31.47
CA ALA A 276 9.59 -30.18 30.28
C ALA A 276 9.93 -29.45 28.97
N LEU A 277 9.59 -28.15 28.90
CA LEU A 277 9.89 -27.32 27.73
C LEU A 277 11.38 -27.07 27.55
N ASN A 278 12.12 -27.03 28.65
CA ASN A 278 13.58 -26.94 28.60
C ASN A 278 14.19 -28.21 28.03
N LYS A 279 13.56 -29.34 28.35
CA LYS A 279 14.03 -30.64 27.86
C LYS A 279 13.74 -30.79 26.37
N MSE A 280 12.56 -30.34 25.96
CA MSE A 280 12.14 -30.42 24.56
C MSE A 280 13.02 -29.54 23.68
O MSE A 280 13.41 -29.94 22.57
CB MSE A 280 10.67 -30.05 24.41
CG MSE A 280 10.11 -30.34 23.03
SE MSE A 280 10.09 -32.25 22.66
CE MSE A 280 10.14 -32.21 20.70
N ALA A 281 13.34 -28.34 24.17
CA ALA A 281 14.22 -27.42 23.46
C ALA A 281 15.56 -28.07 23.14
N ALA A 282 16.14 -28.79 24.12
CA ALA A 282 17.40 -29.50 23.94
C ALA A 282 17.32 -30.60 22.88
N LYS A 283 16.28 -31.43 22.97
CA LYS A 283 16.08 -32.52 22.02
C LYS A 283 15.84 -32.01 20.59
N GLN A 284 15.10 -30.90 20.49
CA GLN A 284 14.69 -30.37 19.20
C GLN A 284 15.85 -29.82 18.37
N VAL A 285 16.81 -29.15 19.02
CA VAL A 285 18.00 -28.62 18.32
C VAL A 285 18.82 -29.74 17.71
N CYS A 286 18.95 -30.85 18.42
CA CYS A 286 19.63 -32.05 17.92
C CYS A 286 18.96 -32.58 16.64
N ARG A 287 17.63 -32.50 16.59
CA ARG A 287 16.86 -32.90 15.41
C ARG A 287 16.99 -31.94 14.24
N LEU A 288 17.48 -30.73 14.52
CA LEU A 288 17.57 -29.67 13.52
C LEU A 288 18.97 -29.52 12.94
N THR A 289 19.86 -30.40 13.39
CA THR A 289 21.26 -30.45 12.96
C THR A 289 21.42 -30.71 11.46
N GLU A 290 22.58 -30.36 10.92
CA GLU A 290 22.89 -30.56 9.49
C GLU A 290 22.91 -32.03 9.06
N LEU A 291 22.93 -32.95 10.04
CA LEU A 291 22.97 -34.40 9.81
C LEU A 291 21.91 -34.87 8.81
N GLY A 292 20.76 -34.18 8.79
CA GLY A 292 19.70 -34.50 7.85
C GLY A 292 18.33 -34.63 8.51
N THR A 293 17.33 -34.88 7.66
CA THR A 293 15.89 -34.94 8.00
C THR A 293 15.26 -33.56 8.14
N GLN A 294 15.77 -32.74 9.04
CA GLN A 294 15.13 -31.45 9.34
C GLN A 294 16.14 -30.32 9.62
N TYR A 295 17.15 -30.19 8.77
CA TYR A 295 18.15 -29.13 8.89
C TYR A 295 17.52 -27.73 8.80
N SER A 296 17.57 -27.01 9.92
CA SER A 296 16.95 -25.69 10.04
C SER A 296 17.91 -24.67 10.65
N PRO A 297 18.85 -24.15 9.83
CA PRO A 297 19.81 -23.16 10.32
C PRO A 297 19.13 -21.82 10.66
N ILE A 298 19.56 -21.20 11.75
CA ILE A 298 18.93 -19.94 12.20
C ILE A 298 18.94 -18.83 11.14
N GLY A 299 19.99 -18.78 10.33
CA GLY A 299 20.13 -17.80 9.26
C GLY A 299 19.14 -18.00 8.12
N GLU A 300 18.46 -19.16 8.13
CA GLU A 300 17.41 -19.45 7.17
C GLU A 300 16.03 -19.28 7.79
N VAL A 301 15.90 -19.64 9.07
CA VAL A 301 14.65 -19.45 9.81
C VAL A 301 14.34 -17.95 9.88
N VAL A 302 15.37 -17.15 10.15
CA VAL A 302 15.27 -15.71 9.95
C VAL A 302 15.37 -15.46 8.44
N ASN A 303 14.27 -14.96 7.88
CA ASN A 303 14.19 -14.63 6.45
C ASN A 303 13.22 -13.48 6.29
N GLU A 304 13.02 -13.04 5.04
CA GLU A 304 12.18 -11.89 4.73
C GLU A 304 10.75 -12.05 5.27
N LYS A 305 10.16 -13.22 5.07
CA LYS A 305 8.79 -13.48 5.52
C LYS A 305 8.67 -13.48 7.04
N SER A 306 9.66 -14.07 7.71
CA SER A 306 9.62 -14.18 9.17
C SER A 306 9.90 -12.83 9.83
N ILE A 307 10.76 -12.04 9.19
CA ILE A 307 11.00 -10.65 9.61
C ILE A 307 9.73 -9.81 9.49
N VAL A 308 9.07 -9.88 8.33
CA VAL A 308 7.79 -9.21 8.14
C VAL A 308 6.77 -9.66 9.21
N ASN A 309 6.70 -10.96 9.45
CA ASN A 309 5.85 -11.55 10.48
C ASN A 309 6.10 -10.91 11.85
N GLY A 310 7.37 -10.69 12.16
CA GLY A 310 7.78 -10.07 13.41
C GLY A 310 7.28 -8.64 13.51
N ILE A 311 7.35 -7.92 12.39
CA ILE A 311 6.89 -6.55 12.35
C ILE A 311 5.38 -6.45 12.54
N VAL A 312 4.60 -7.30 11.85
CA VAL A 312 3.14 -7.20 11.96
C VAL A 312 2.65 -7.57 13.37
N ALA A 313 3.34 -8.52 14.01
CA ALA A 313 3.05 -8.90 15.39
C ALA A 313 3.40 -7.78 16.36
N LEU A 314 4.52 -7.11 16.11
CA LEU A 314 4.89 -5.89 16.82
C LEU A 314 3.81 -4.83 16.68
N LEU A 315 3.24 -4.70 15.48
CA LEU A 315 2.18 -3.71 15.21
C LEU A 315 0.83 -4.11 15.81
N ALA A 316 0.45 -5.38 15.66
CA ALA A 316 -0.82 -5.88 16.20
C ALA A 316 -0.88 -5.90 17.74
N THR A 317 0.29 -5.93 18.38
CA THR A 317 0.35 -5.97 19.84
C THR A 317 0.64 -4.62 20.48
N GLY A 318 0.83 -3.58 19.67
CA GLY A 318 1.15 -2.24 20.18
C GLY A 318 2.48 -2.18 20.89
N GLY A 319 3.47 -2.87 20.33
CA GLY A 319 4.77 -3.02 20.96
C GLY A 319 5.65 -1.79 20.88
N SER A 320 6.76 -1.84 21.61
CA SER A 320 7.66 -0.71 21.75
C SER A 320 8.26 -0.25 20.43
N THR A 321 8.40 1.07 20.27
CA THR A 321 9.05 1.63 19.08
C THR A 321 10.55 1.38 19.11
N ASN A 322 11.05 0.93 20.25
CA ASN A 322 12.44 0.47 20.35
C ASN A 322 12.70 -0.76 19.48
N LEU A 323 11.70 -1.63 19.40
CA LEU A 323 11.84 -2.87 18.62
C LEU A 323 11.95 -2.64 17.13
N THR A 324 11.58 -1.46 16.67
CA THR A 324 11.73 -1.12 15.26
C THR A 324 13.21 -1.11 14.89
N MSE A 325 14.06 -0.57 15.77
CA MSE A 325 15.51 -0.53 15.56
C MSE A 325 16.14 -1.93 15.59
O MSE A 325 16.98 -2.26 14.77
CB MSE A 325 16.19 0.36 16.59
CG MSE A 325 16.11 1.85 16.30
SE MSE A 325 16.93 2.87 17.76
CE MSE A 325 15.64 2.40 19.16
N HIS A 326 15.69 -2.75 16.55
CA HIS A 326 16.24 -4.08 16.76
C HIS A 326 15.84 -5.07 15.67
N ILE A 327 14.61 -4.95 15.17
CA ILE A 327 14.14 -5.78 14.06
C ILE A 327 14.99 -5.49 12.83
N VAL A 328 15.26 -4.22 12.59
CA VAL A 328 16.06 -3.77 11.45
C VAL A 328 17.52 -4.20 11.57
N ALA A 329 18.06 -4.14 12.80
CA ALA A 329 19.42 -4.59 13.07
C ALA A 329 19.58 -6.11 12.96
N ALA A 330 18.57 -6.83 13.44
CA ALA A 330 18.58 -8.30 13.34
C ALA A 330 18.51 -8.72 11.87
N ALA A 331 17.58 -8.11 11.13
CA ALA A 331 17.39 -8.44 9.72
C ALA A 331 18.64 -8.13 8.89
N ARG A 332 19.26 -6.99 9.15
CA ARG A 332 20.46 -6.58 8.42
C ARG A 332 21.59 -7.58 8.56
N ALA A 333 21.74 -8.13 9.78
CA ALA A 333 22.73 -9.16 10.05
C ALA A 333 22.51 -10.37 9.14
N ALA A 334 21.24 -10.62 8.79
CA ALA A 334 20.87 -11.77 7.97
C ALA A 334 20.74 -11.41 6.49
N GLY A 335 21.27 -10.26 6.10
CA GLY A 335 21.26 -9.81 4.71
C GLY A 335 19.94 -9.24 4.24
N ILE A 336 19.05 -8.94 5.19
CA ILE A 336 17.72 -8.43 4.88
C ILE A 336 17.60 -6.96 5.21
N ILE A 337 17.21 -6.15 4.22
CA ILE A 337 17.15 -4.70 4.38
C ILE A 337 15.71 -4.22 4.52
N VAL A 338 15.38 -3.70 5.70
CA VAL A 338 14.05 -3.16 6.01
C VAL A 338 14.17 -1.69 6.43
N ASN A 339 13.27 -0.84 5.91
CA ASN A 339 13.28 0.58 6.28
C ASN A 339 11.94 1.06 6.88
N TRP A 340 11.86 2.36 7.20
CA TRP A 340 10.65 2.94 7.78
C TRP A 340 9.44 2.94 6.85
N ASP A 341 9.69 2.94 5.54
CA ASP A 341 8.59 2.82 4.58
C ASP A 341 7.88 1.47 4.74
N ASP A 342 8.66 0.42 5.06
CA ASP A 342 8.08 -0.88 5.34
C ASP A 342 7.17 -0.83 6.57
N PHE A 343 7.65 -0.23 7.65
CA PHE A 343 6.91 -0.17 8.91
C PHE A 343 5.62 0.61 8.77
N SER A 344 5.73 1.79 8.15
CA SER A 344 4.63 2.74 8.00
C SER A 344 3.53 2.19 7.11
N GLU A 345 3.91 1.52 6.02
CA GLU A 345 2.94 0.96 5.08
C GLU A 345 2.31 -0.34 5.58
N LEU A 346 3.07 -1.11 6.35
CA LEU A 346 2.52 -2.30 7.01
C LEU A 346 1.52 -1.91 8.08
N SER A 347 1.86 -0.87 8.84
CA SER A 347 1.02 -0.37 9.92
C SER A 347 -0.40 -0.07 9.44
N ASP A 348 -0.50 0.54 8.26
CA ASP A 348 -1.80 0.86 7.65
C ASP A 348 -2.69 -0.36 7.43
N ALA A 349 -2.08 -1.54 7.30
CA ALA A 349 -2.83 -2.77 7.07
C ALA A 349 -3.01 -3.65 8.33
N VAL A 350 -2.21 -3.40 9.36
CA VAL A 350 -2.23 -4.27 10.54
C VAL A 350 -3.09 -3.68 11.66
N PRO A 351 -4.19 -4.35 12.02
CA PRO A 351 -5.02 -3.85 13.12
C PRO A 351 -4.32 -3.96 14.47
N LEU A 352 -4.72 -3.11 15.42
CA LEU A 352 -4.30 -3.24 16.80
C LEU A 352 -5.21 -4.24 17.50
N LEU A 353 -4.62 -5.26 18.08
CA LEU A 353 -5.33 -6.41 18.63
C LEU A 353 -5.14 -6.63 20.13
N ALA A 354 -4.16 -5.95 20.72
CA ALA A 354 -3.84 -6.16 22.14
C ALA A 354 -3.57 -4.88 22.92
N ARG A 355 -4.08 -4.82 24.14
CA ARG A 355 -3.75 -3.76 25.10
C ARG A 355 -2.98 -4.36 26.28
N VAL A 356 -1.65 -4.25 26.23
CA VAL A 356 -0.79 -4.76 27.29
C VAL A 356 -0.22 -3.58 28.07
N TYR A 357 0.03 -3.80 29.37
CA TYR A 357 0.31 -2.76 30.39
C TYR A 357 0.68 -1.36 29.90
N PRO A 358 1.87 -1.17 29.26
CA PRO A 358 2.17 0.23 28.96
C PRO A 358 0.95 0.93 28.35
N ASN A 359 0.16 0.19 27.56
CA ASN A 359 -1.12 0.63 27.05
C ASN A 359 -2.29 -0.05 27.77
N GLY A 360 -2.58 0.42 28.98
CA GLY A 360 -3.64 -0.17 29.80
C GLY A 360 -3.09 -0.73 31.10
N HIS A 361 -3.90 -1.53 31.80
CA HIS A 361 -3.47 -2.09 33.08
C HIS A 361 -3.12 -3.57 33.03
N ALA A 362 -3.64 -4.27 32.03
CA ALA A 362 -3.46 -5.71 31.92
C ALA A 362 -2.02 -6.10 31.61
N ASP A 363 -1.46 -6.96 32.45
CA ASP A 363 -0.09 -7.45 32.25
C ASP A 363 -0.03 -8.57 31.22
N ILE A 364 1.17 -9.11 31.02
CA ILE A 364 1.41 -10.17 30.04
C ILE A 364 0.62 -11.45 30.36
N ASN A 365 0.57 -11.82 31.64
CA ASN A 365 -0.19 -13.00 32.09
C ASN A 365 -1.69 -12.88 31.84
N HIS A 366 -2.21 -11.65 31.99
CA HIS A 366 -3.60 -11.31 31.69
C HIS A 366 -3.84 -11.44 30.18
N PHE A 367 -2.89 -10.95 29.40
CA PHE A 367 -2.91 -11.09 27.94
C PHE A 367 -2.99 -12.57 27.54
N HIS A 368 -2.16 -13.38 28.18
CA HIS A 368 -2.08 -14.81 27.89
C HIS A 368 -3.36 -15.55 28.28
N ALA A 369 -3.90 -15.24 29.45
CA ALA A 369 -5.14 -15.84 29.92
C ALA A 369 -6.35 -15.48 29.05
N ALA A 370 -6.30 -14.32 28.41
CA ALA A 370 -7.36 -13.88 27.49
C ALA A 370 -7.39 -14.68 26.17
N GLY A 371 -6.24 -15.24 25.79
CA GLY A 371 -6.12 -15.97 24.53
C GLY A 371 -4.68 -16.11 24.11
N GLY A 372 -3.89 -15.06 24.34
CA GLY A 372 -2.44 -15.07 24.13
C GLY A 372 -1.98 -15.08 22.68
N MSE A 373 -0.73 -15.51 22.48
CA MSE A 373 -0.13 -15.57 21.15
C MSE A 373 -0.81 -16.58 20.23
O MSE A 373 -0.86 -16.37 19.02
CB MSE A 373 1.38 -15.88 21.25
CG MSE A 373 2.24 -14.75 21.78
SE MSE A 373 1.93 -13.04 20.89
CE MSE A 373 2.64 -13.47 19.12
N ALA A 374 -1.31 -17.68 20.79
CA ALA A 374 -2.01 -18.69 19.99
C ALA A 374 -3.27 -18.12 19.32
N PHE A 375 -3.96 -17.23 20.03
CA PHE A 375 -5.12 -16.54 19.46
C PHE A 375 -4.70 -15.48 18.46
N LEU A 376 -3.77 -14.61 18.85
CA LEU A 376 -3.28 -13.53 18.01
C LEU A 376 -2.76 -14.06 16.67
N ILE A 377 -1.97 -15.13 16.75
CA ILE A 377 -1.34 -15.70 15.55
C ILE A 377 -2.38 -16.36 14.64
N LYS A 378 -3.39 -17.00 15.21
CA LYS A 378 -4.47 -17.58 14.39
C LYS A 378 -5.24 -16.50 13.63
N GLU A 379 -5.61 -15.43 14.34
CA GLU A 379 -6.31 -14.30 13.75
C GLU A 379 -5.54 -13.67 12.60
N LEU A 380 -4.24 -13.40 12.82
CA LEU A 380 -3.43 -12.76 11.80
C LEU A 380 -3.24 -13.70 10.59
N LEU A 381 -2.97 -14.98 10.87
CA LEU A 381 -2.96 -16.02 9.85
C LEU A 381 -4.26 -16.05 9.02
N ASP A 382 -5.41 -16.14 9.71
CA ASP A 382 -6.72 -16.18 9.06
C ASP A 382 -6.93 -14.97 8.14
N ALA A 383 -6.42 -13.81 8.54
CA ALA A 383 -6.62 -12.57 7.80
C ALA A 383 -5.63 -12.40 6.64
N GLY A 384 -4.63 -13.28 6.57
CA GLY A 384 -3.57 -13.16 5.58
C GLY A 384 -2.58 -12.08 5.97
N LEU A 385 -2.42 -11.86 7.27
CA LEU A 385 -1.50 -10.84 7.77
C LEU A 385 -0.15 -11.41 8.21
N LEU A 386 -0.10 -12.72 8.42
CA LEU A 386 1.16 -13.42 8.66
C LEU A 386 1.41 -14.45 7.57
N HIS A 387 2.64 -14.53 7.11
CA HIS A 387 3.07 -15.60 6.20
C HIS A 387 3.04 -16.94 6.93
N GLU A 388 2.31 -17.90 6.38
CA GLU A 388 2.22 -19.23 6.97
C GLU A 388 3.33 -20.15 6.52
N ASP A 389 3.81 -19.92 5.30
CA ASP A 389 4.76 -20.80 4.65
C ASP A 389 6.19 -20.48 5.08
N VAL A 390 6.46 -20.73 6.37
CA VAL A 390 7.80 -20.51 6.93
C VAL A 390 8.28 -21.75 7.68
N ASN A 391 9.60 -21.94 7.69
CA ASN A 391 10.20 -22.96 8.54
C ASN A 391 10.42 -22.38 9.94
N THR A 392 10.11 -23.16 10.96
CA THR A 392 10.30 -22.72 12.33
C THR A 392 11.09 -23.78 13.10
N VAL A 393 11.53 -23.44 14.30
CA VAL A 393 12.24 -24.38 15.16
C VAL A 393 11.39 -25.57 15.58
N ALA A 394 10.06 -25.46 15.43
CA ALA A 394 9.13 -26.54 15.75
C ALA A 394 8.70 -27.34 14.53
N GLY A 395 9.21 -26.95 13.37
CA GLY A 395 8.81 -27.58 12.11
C GLY A 395 8.25 -26.57 11.13
N TYR A 396 7.89 -27.05 9.94
CA TYR A 396 7.38 -26.19 8.88
C TYR A 396 5.93 -25.78 9.12
N GLY A 397 5.61 -24.55 8.74
CA GLY A 397 4.24 -24.02 8.85
C GLY A 397 3.99 -23.27 10.14
N LEU A 398 3.66 -21.98 10.02
CA LEU A 398 3.43 -21.13 11.19
C LEU A 398 2.19 -21.48 12.02
N ARG A 399 1.26 -22.22 11.42
CA ARG A 399 0.03 -22.68 12.08
C ARG A 399 0.35 -23.51 13.34
N ARG A 400 1.57 -24.02 13.43
CA ARG A 400 2.08 -24.73 14.62
C ARG A 400 2.10 -23.83 15.85
N TYR A 401 2.17 -22.52 15.62
CA TYR A 401 2.23 -21.55 16.70
C TYR A 401 0.85 -21.10 17.17
N THR A 402 -0.20 -21.69 16.61
CA THR A 402 -1.56 -21.54 17.14
C THR A 402 -1.85 -22.61 18.18
N GLN A 403 -0.87 -23.47 18.45
CA GLN A 403 -1.00 -24.52 19.45
C GLN A 403 -0.26 -24.18 20.75
N GLU A 404 -0.75 -24.76 21.85
CA GLU A 404 -0.25 -24.43 23.18
C GLU A 404 0.25 -25.67 23.90
N PRO A 405 1.40 -25.54 24.60
CA PRO A 405 1.95 -26.66 25.34
C PRO A 405 1.19 -26.96 26.62
N LYS A 406 1.07 -28.26 26.94
CA LYS A 406 0.39 -28.72 28.14
C LYS A 406 1.18 -29.87 28.72
N LEU A 407 1.15 -30.00 30.04
CA LEU A 407 1.72 -31.15 30.71
C LEU A 407 0.59 -32.02 31.27
N LEU A 408 0.12 -32.95 30.45
CA LEU A 408 -1.04 -33.78 30.79
C LEU A 408 -0.61 -35.19 31.19
N ASP A 409 -0.97 -35.58 32.42
CA ASP A 409 -0.51 -36.84 33.02
C ASP A 409 1.01 -37.01 32.92
N GLY A 410 1.72 -35.91 33.15
CA GLY A 410 3.18 -35.89 33.11
C GLY A 410 3.77 -35.85 31.72
N GLU A 411 2.92 -35.92 30.70
CA GLU A 411 3.36 -35.97 29.31
C GLU A 411 3.17 -34.62 28.61
N LEU A 412 4.26 -34.12 28.00
CA LEU A 412 4.23 -32.86 27.30
C LEU A 412 3.52 -33.00 25.94
N ARG A 413 2.41 -32.29 25.80
CA ARG A 413 1.62 -32.31 24.56
C ARG A 413 1.30 -30.90 24.09
N TRP A 414 1.18 -30.74 22.77
CA TRP A 414 0.69 -29.50 22.19
C TRP A 414 -0.78 -29.66 21.78
N VAL A 415 -1.62 -28.73 22.21
CA VAL A 415 -3.06 -28.79 21.97
C VAL A 415 -3.53 -27.54 21.22
N ASP A 416 -4.74 -27.60 20.64
CA ASP A 416 -5.31 -26.47 19.94
C ASP A 416 -5.53 -25.28 20.85
N GLY A 417 -5.07 -24.11 20.41
CA GLY A 417 -5.28 -22.86 21.14
C GLY A 417 -6.69 -22.31 20.94
N PRO A 418 -7.03 -21.24 21.68
CA PRO A 418 -8.36 -20.61 21.62
C PRO A 418 -8.69 -19.93 20.28
N THR A 419 -9.98 -19.83 19.97
CA THR A 419 -10.46 -19.21 18.74
C THR A 419 -11.27 -17.95 19.04
N VAL A 420 -11.58 -17.76 20.31
CA VAL A 420 -12.30 -16.57 20.77
C VAL A 420 -11.50 -15.96 21.93
N SER A 421 -11.51 -14.62 22.02
CA SER A 421 -10.90 -13.95 23.17
C SER A 421 -11.87 -13.99 24.34
N LEU A 422 -11.34 -14.25 25.54
CA LEU A 422 -12.14 -14.23 26.75
C LEU A 422 -12.22 -12.83 27.37
N ASP A 423 -11.42 -11.90 26.86
CA ASP A 423 -11.40 -10.55 27.40
C ASP A 423 -11.10 -9.53 26.29
N THR A 424 -12.16 -8.97 25.70
CA THR A 424 -12.06 -8.04 24.59
C THR A 424 -11.65 -6.61 25.01
N GLU A 425 -11.35 -6.41 26.28
CA GLU A 425 -10.70 -5.19 26.73
C GLU A 425 -9.18 -5.32 26.68
N VAL A 426 -8.68 -6.55 26.55
CA VAL A 426 -7.23 -6.81 26.54
C VAL A 426 -6.79 -7.37 25.19
N LEU A 427 -7.57 -8.29 24.65
CA LEU A 427 -7.23 -8.98 23.41
C LEU A 427 -8.45 -9.11 22.52
N THR A 428 -8.27 -8.82 21.23
CA THR A 428 -9.41 -8.77 20.32
C THR A 428 -9.15 -9.44 18.97
N SER A 429 -10.24 -9.76 18.28
CA SER A 429 -10.18 -10.36 16.93
C SER A 429 -9.94 -9.26 15.90
N VAL A 430 -9.47 -9.64 14.72
CA VAL A 430 -9.23 -8.65 13.66
C VAL A 430 -10.54 -8.05 13.10
N ALA A 431 -11.65 -8.77 13.19
CA ALA A 431 -12.93 -8.27 12.69
C ALA A 431 -13.41 -7.05 13.49
N THR A 432 -13.18 -7.08 14.80
CA THR A 432 -13.54 -5.99 15.70
C THR A 432 -12.33 -5.54 16.54
N PRO A 433 -11.37 -4.85 15.92
CA PRO A 433 -10.12 -4.54 16.62
C PRO A 433 -10.21 -3.28 17.49
N PHE A 434 -9.22 -3.05 18.35
CA PHE A 434 -9.12 -1.77 19.06
C PHE A 434 -8.96 -0.60 18.07
N GLN A 435 -8.13 -0.82 17.06
CA GLN A 435 -7.94 0.10 15.94
C GLN A 435 -7.63 -0.71 14.69
N ASN A 436 -8.06 -0.25 13.53
CA ASN A 436 -7.83 -1.01 12.30
C ASN A 436 -6.44 -0.82 11.67
N ASN A 437 -5.51 -0.29 12.45
CA ASN A 437 -4.14 -0.02 12.00
C ASN A 437 -3.16 0.02 13.19
N GLY A 438 -1.85 -0.04 12.90
CA GLY A 438 -0.83 -0.09 13.94
C GLY A 438 -0.34 1.24 14.49
N GLY A 439 -0.80 2.34 13.89
CA GLY A 439 -0.44 3.67 14.37
C GLY A 439 1.01 4.11 14.23
N LEU A 440 1.81 3.36 13.47
CA LEU A 440 3.21 3.71 13.25
C LEU A 440 3.40 4.40 11.91
N LYS A 441 3.65 5.71 11.93
CA LYS A 441 3.80 6.48 10.68
C LYS A 441 5.18 7.08 10.47
N LEU A 442 5.60 7.11 9.21
CA LEU A 442 6.82 7.80 8.81
C LEU A 442 6.57 9.29 8.62
N LEU A 443 7.49 10.11 9.09
CA LEU A 443 7.43 11.54 8.81
C LEU A 443 8.63 11.96 7.96
N LYS A 444 8.37 12.69 6.88
CA LYS A 444 9.41 13.17 5.97
C LYS A 444 9.35 14.69 5.85
N GLY A 445 10.49 15.30 5.54
CA GLY A 445 10.55 16.71 5.17
C GLY A 445 11.98 17.25 5.12
N ASN A 446 12.10 18.57 5.12
CA ASN A 446 13.42 19.22 5.12
C ASN A 446 14.23 18.90 6.38
N LEU A 447 13.53 18.58 7.47
CA LEU A 447 14.18 18.18 8.73
C LEU A 447 14.76 16.76 8.68
N GLY A 448 14.25 15.94 7.76
CA GLY A 448 14.76 14.59 7.56
C GLY A 448 13.70 13.52 7.65
N ARG A 449 13.98 12.47 8.42
CA ARG A 449 13.06 11.35 8.57
C ARG A 449 12.91 11.00 10.05
N ALA A 450 11.67 10.79 10.48
CA ALA A 450 11.40 10.34 11.85
C ALA A 450 10.20 9.39 11.85
N VAL A 451 9.88 8.83 13.02
CA VAL A 451 8.66 8.05 13.18
C VAL A 451 7.79 8.65 14.27
N ILE A 452 6.49 8.34 14.23
CA ILE A 452 5.53 8.80 15.21
C ILE A 452 4.50 7.69 15.49
N LYS A 453 4.18 7.52 16.78
CA LYS A 453 3.03 6.71 17.18
C LYS A 453 1.81 7.60 17.41
N VAL A 454 0.77 7.36 16.62
CA VAL A 454 -0.45 8.15 16.68
C VAL A 454 -1.60 7.40 17.32
N SER A 455 -1.31 6.17 17.77
CA SER A 455 -2.30 5.28 18.36
C SER A 455 -3.11 5.85 19.52
N ALA A 456 -2.44 6.62 20.38
CA ALA A 456 -3.10 7.23 21.53
C ALA A 456 -3.24 8.75 21.35
N VAL A 457 -3.05 9.21 20.12
CA VAL A 457 -3.15 10.62 19.79
C VAL A 457 -4.50 10.88 19.11
N GLN A 458 -5.31 11.73 19.74
CA GLN A 458 -6.61 12.10 19.18
C GLN A 458 -6.39 12.81 17.84
N PRO A 459 -7.29 12.58 16.86
CA PRO A 459 -7.15 13.20 15.53
C PRO A 459 -6.97 14.72 15.58
N GLN A 460 -7.64 15.37 16.53
CA GLN A 460 -7.49 16.82 16.71
C GLN A 460 -6.05 17.22 17.02
N HIS A 461 -5.29 16.31 17.61
CA HIS A 461 -3.91 16.59 18.05
C HIS A 461 -2.83 16.03 17.12
N ARG A 462 -3.20 15.53 15.94
CA ARG A 462 -2.24 14.89 15.02
C ARG A 462 -1.52 15.86 14.10
N VAL A 463 -1.94 17.12 14.11
CA VAL A 463 -1.28 18.17 13.32
C VAL A 463 -0.98 19.36 14.24
N VAL A 464 0.30 19.67 14.40
CA VAL A 464 0.72 20.84 15.18
C VAL A 464 1.72 21.67 14.39
N GLU A 465 1.38 22.93 14.18
CA GLU A 465 2.28 23.91 13.60
C GLU A 465 2.46 25.02 14.63
N ALA A 466 3.67 25.11 15.18
CA ALA A 466 3.94 25.96 16.34
C ALA A 466 5.42 26.37 16.41
N PRO A 467 5.71 27.54 17.02
CA PRO A 467 7.10 27.97 17.25
C PRO A 467 7.92 26.95 18.05
N ALA A 468 9.22 26.91 17.80
CA ALA A 468 10.10 25.91 18.40
C ALA A 468 10.63 26.33 19.77
N VAL A 469 10.89 25.33 20.61
CA VAL A 469 11.54 25.50 21.90
C VAL A 469 12.67 24.47 21.98
N VAL A 470 13.91 24.94 21.89
CA VAL A 470 15.09 24.08 21.74
C VAL A 470 15.83 23.84 23.05
N ILE A 471 16.06 22.58 23.38
CA ILE A 471 16.94 22.18 24.49
C ILE A 471 17.81 20.99 24.07
N ASP A 472 18.97 20.84 24.68
CA ASP A 472 19.88 19.73 24.33
C ASP A 472 20.06 18.75 25.47
N ASP A 473 19.19 18.84 26.46
CA ASP A 473 19.20 17.98 27.62
C ASP A 473 17.78 18.00 28.17
N GLN A 474 17.22 16.81 28.36
CA GLN A 474 15.84 16.67 28.84
C GLN A 474 15.63 17.29 30.24
N ASN A 475 16.72 17.45 30.99
CA ASN A 475 16.67 18.03 32.32
C ASN A 475 16.42 19.54 32.32
N LYS A 476 16.72 20.20 31.20
CA LYS A 476 16.51 21.64 31.05
C LYS A 476 15.03 22.03 30.89
N LEU A 477 14.17 21.04 30.69
CA LEU A 477 12.76 21.26 30.38
C LEU A 477 11.95 21.80 31.55
N ASP A 478 12.20 21.28 32.76
CA ASP A 478 11.43 21.63 33.94
C ASP A 478 11.52 23.12 34.33
N ALA A 479 12.71 23.69 34.26
CA ALA A 479 12.92 25.10 34.57
C ALA A 479 12.20 26.02 33.58
N LEU A 480 12.15 25.59 32.33
CA LEU A 480 11.48 26.29 31.25
C LEU A 480 9.97 26.23 31.48
N PHE A 481 9.50 25.06 31.89
CA PHE A 481 8.09 24.83 32.22
C PHE A 481 7.63 25.67 33.42
N LYS A 482 8.49 25.74 34.44
CA LYS A 482 8.20 26.48 35.67
C LYS A 482 8.17 28.01 35.48
N SER A 483 8.88 28.51 34.47
CA SER A 483 8.90 29.94 34.18
C SER A 483 7.78 30.31 33.22
N GLY A 484 6.91 29.35 32.93
CA GLY A 484 5.73 29.57 32.10
C GLY A 484 6.06 29.75 30.62
N ALA A 485 7.30 29.44 30.24
CA ALA A 485 7.76 29.57 28.86
C ALA A 485 7.10 28.57 27.90
N LEU A 486 6.49 27.53 28.44
CA LEU A 486 5.81 26.50 27.63
C LEU A 486 4.29 26.61 27.66
N ASP A 487 3.77 27.59 28.41
CA ASP A 487 2.32 27.79 28.53
C ASP A 487 1.75 28.46 27.28
N ARG A 488 2.06 27.87 26.13
CA ARG A 488 1.59 28.33 24.82
C ARG A 488 1.77 27.22 23.79
N ASP A 489 1.18 27.37 22.62
CA ASP A 489 1.43 26.45 21.51
C ASP A 489 2.93 26.46 21.20
N CYS A 490 3.53 25.27 21.14
CA CYS A 490 4.96 25.15 20.85
C CYS A 490 5.34 23.73 20.44
N VAL A 491 6.44 23.60 19.70
CA VAL A 491 7.05 22.31 19.48
C VAL A 491 8.33 22.27 20.29
N VAL A 492 8.37 21.42 21.31
CA VAL A 492 9.57 21.24 22.13
C VAL A 492 10.59 20.35 21.41
N VAL A 493 11.73 20.94 21.04
CA VAL A 493 12.79 20.26 20.33
C VAL A 493 13.88 19.86 21.32
N VAL A 494 14.14 18.56 21.40
CA VAL A 494 15.18 18.03 22.27
C VAL A 494 16.26 17.39 21.40
N LYS A 495 17.42 18.03 21.34
CA LYS A 495 18.48 17.56 20.47
C LYS A 495 19.64 16.98 21.28
N GLY A 496 20.61 16.39 20.57
CA GLY A 496 21.76 15.73 21.18
C GLY A 496 21.37 14.47 21.93
N GLN A 497 20.36 13.78 21.43
CA GLN A 497 19.81 12.61 22.13
C GLN A 497 19.86 11.36 21.26
N GLY A 498 20.53 11.46 20.11
CA GLY A 498 20.67 10.34 19.20
C GLY A 498 21.70 9.32 19.66
N PRO A 499 21.82 8.19 18.92
CA PRO A 499 22.82 7.17 19.19
C PRO A 499 24.24 7.72 19.38
N LYS A 500 24.68 8.58 18.46
CA LYS A 500 26.06 9.08 18.47
C LYS A 500 26.31 10.11 19.58
N ALA A 501 25.29 10.89 19.90
CA ALA A 501 25.44 11.97 20.88
C ALA A 501 25.68 11.44 22.29
N ASN A 502 24.76 10.62 22.78
CA ASN A 502 24.81 10.10 24.14
C ASN A 502 24.32 8.65 24.27
N GLY A 503 24.38 7.88 23.19
CA GLY A 503 23.97 6.48 23.23
C GLY A 503 22.48 6.27 23.22
N MSE A 504 21.74 7.34 22.88
CA MSE A 504 20.28 7.33 22.78
C MSE A 504 19.55 6.78 24.02
O MSE A 504 18.92 5.73 23.96
CB MSE A 504 19.84 6.60 21.50
CG MSE A 504 18.49 7.02 20.94
SE MSE A 504 17.91 5.82 19.50
CE MSE A 504 18.15 4.14 20.46
N PRO A 505 19.63 7.49 25.16
CA PRO A 505 18.89 7.01 26.33
C PRO A 505 17.38 7.27 26.18
N GLU A 506 16.56 6.38 26.73
CA GLU A 506 15.12 6.60 26.80
C GLU A 506 14.86 7.82 27.66
N LEU A 507 14.10 8.77 27.11
CA LEU A 507 13.86 10.02 27.80
C LEU A 507 12.48 9.99 28.46
N HIS A 508 12.45 9.84 29.78
CA HIS A 508 11.22 9.63 30.52
C HIS A 508 10.62 10.92 31.08
N LYS A 509 11.38 12.01 31.04
CA LYS A 509 10.96 13.27 31.66
C LYS A 509 10.20 14.22 30.73
N LEU A 510 9.92 13.75 29.51
CA LEU A 510 9.36 14.61 28.46
C LEU A 510 7.84 14.59 28.34
N THR A 511 7.28 13.39 28.24
CA THR A 511 5.84 13.18 27.99
C THR A 511 4.88 13.72 29.08
N PRO A 512 5.22 13.59 30.38
CA PRO A 512 4.26 14.01 31.41
C PRO A 512 3.91 15.50 31.38
N LEU A 513 4.93 16.36 31.29
CA LEU A 513 4.71 17.80 31.30
C LEU A 513 3.99 18.27 30.04
N LEU A 514 4.42 17.76 28.89
CA LEU A 514 3.81 18.12 27.61
C LEU A 514 2.37 17.67 27.51
N GLY A 515 2.06 16.51 28.11
CA GLY A 515 0.69 16.02 28.24
C GLY A 515 -0.18 16.98 29.03
N SER A 516 0.36 17.51 30.13
CA SER A 516 -0.37 18.50 30.94
C SER A 516 -0.55 19.84 30.19
N LEU A 517 0.41 20.17 29.33
CA LEU A 517 0.31 21.33 28.45
C LEU A 517 -0.79 21.17 27.41
N GLN A 518 -0.90 19.97 26.83
CA GLN A 518 -1.98 19.62 25.93
C GLN A 518 -3.34 19.63 26.65
N ASP A 519 -3.35 19.09 27.88
CA ASP A 519 -4.57 19.00 28.70
C ASP A 519 -5.18 20.38 28.98
N LYS A 520 -4.31 21.35 29.24
CA LYS A 520 -4.69 22.74 29.47
C LYS A 520 -5.26 23.41 28.21
N GLY A 521 -5.12 22.74 27.06
CA GLY A 521 -5.67 23.26 25.80
C GLY A 521 -4.65 23.81 24.81
N PHE A 522 -3.38 23.80 25.16
CA PHE A 522 -2.33 24.23 24.24
C PHE A 522 -2.05 23.17 23.17
N LYS A 523 -1.56 23.62 22.02
CA LYS A 523 -1.23 22.71 20.92
C LYS A 523 0.27 22.47 20.95
N VAL A 524 0.65 21.26 21.35
CA VAL A 524 2.06 20.97 21.61
C VAL A 524 2.53 19.69 20.95
N ALA A 525 3.81 19.65 20.61
CA ALA A 525 4.41 18.44 20.04
C ALA A 525 5.88 18.31 20.45
N LEU A 526 6.37 17.07 20.39
CA LEU A 526 7.76 16.75 20.66
C LEU A 526 8.49 16.42 19.37
N MSE A 527 9.74 16.87 19.29
CA MSE A 527 10.63 16.46 18.23
C MSE A 527 12.01 16.18 18.82
O MSE A 527 12.61 17.06 19.44
CB MSE A 527 10.71 17.51 17.13
CG MSE A 527 11.37 17.01 15.85
SE MSE A 527 11.57 18.43 14.54
CE MSE A 527 9.76 19.10 14.65
N THR A 528 12.50 14.96 18.64
CA THR A 528 13.81 14.59 19.15
C THR A 528 14.54 13.65 18.21
N ASP A 529 15.87 13.73 18.23
CA ASP A 529 16.71 12.76 17.52
C ASP A 529 16.90 11.50 18.36
N GLY A 530 16.34 11.54 19.57
CA GLY A 530 16.34 10.41 20.48
C GLY A 530 15.00 9.70 20.53
N ARG A 531 14.65 9.22 21.73
CA ARG A 531 13.50 8.37 21.95
C ARG A 531 12.98 8.55 23.37
N MSE A 532 11.73 8.14 23.61
CA MSE A 532 11.19 8.09 24.97
C MSE A 532 11.20 6.65 25.47
O MSE A 532 11.99 5.83 25.01
CB MSE A 532 9.78 8.69 25.01
CG MSE A 532 9.77 10.18 25.22
SE MSE A 532 10.24 11.17 23.62
CE MSE A 532 8.50 11.97 23.26
N SER A 533 10.32 6.35 26.43
CA SER A 533 10.15 4.99 26.96
C SER A 533 9.90 3.92 25.90
N GLY A 534 9.49 4.34 24.70
CA GLY A 534 9.08 3.41 23.65
C GLY A 534 7.58 3.19 23.60
N ALA A 535 6.87 3.71 24.61
CA ALA A 535 5.41 3.60 24.70
C ALA A 535 4.71 4.65 23.83
N SER A 536 3.37 4.60 23.78
CA SER A 536 2.56 5.53 23.00
C SER A 536 1.90 6.59 23.89
N GLY A 537 2.21 7.85 23.63
CA GLY A 537 1.60 8.95 24.36
C GLY A 537 0.46 9.61 23.60
N LYS A 538 -0.19 10.57 24.25
CA LYS A 538 -1.30 11.33 23.67
C LYS A 538 -0.80 12.60 22.96
N VAL A 539 0.45 12.95 23.21
CA VAL A 539 1.06 14.10 22.57
C VAL A 539 1.81 13.65 21.32
N PRO A 540 1.59 14.33 20.18
CA PRO A 540 2.31 13.94 18.97
C PRO A 540 3.81 14.09 19.18
N ALA A 541 4.54 13.01 18.93
CA ALA A 541 5.99 13.03 19.12
C ALA A 541 6.73 12.49 17.89
N ALA A 542 7.49 13.35 17.24
CA ALA A 542 8.39 12.91 16.17
C ALA A 542 9.70 12.48 16.79
N ILE A 543 10.00 11.19 16.68
CA ILE A 543 11.14 10.57 17.38
C ILE A 543 12.12 9.90 16.41
N HIS A 544 13.34 9.63 16.88
CA HIS A 544 14.39 9.00 16.05
C HIS A 544 14.77 9.88 14.85
N LEU A 545 14.50 11.18 14.95
CA LEU A 545 14.86 12.14 13.90
C LEU A 545 16.29 11.95 13.42
N THR A 546 16.43 11.93 12.10
CA THR A 546 17.67 11.59 11.43
C THR A 546 17.79 12.44 10.17
N PRO A 547 19.00 13.00 9.91
CA PRO A 547 20.23 12.90 10.73
C PRO A 547 20.09 13.57 12.09
N GLU A 548 20.72 12.99 13.12
CA GLU A 548 20.71 13.56 14.46
C GLU A 548 21.50 14.88 14.48
N ALA A 549 21.39 15.62 15.59
CA ALA A 549 22.01 16.95 15.69
C ALA A 549 23.51 16.93 15.38
N ILE A 550 24.26 16.08 16.06
CA ILE A 550 25.72 16.01 15.88
C ILE A 550 26.15 15.36 14.56
N ASP A 551 25.20 14.78 13.82
CA ASP A 551 25.46 14.30 12.46
C ASP A 551 25.18 15.39 11.41
N GLY A 552 24.84 16.58 11.87
CA GLY A 552 24.62 17.73 10.98
C GLY A 552 23.19 17.89 10.51
N GLY A 553 22.28 17.18 11.16
CA GLY A 553 20.86 17.24 10.81
C GLY A 553 20.27 18.61 11.06
N LEU A 554 19.31 18.99 10.23
CA LEU A 554 18.67 20.30 10.29
C LEU A 554 18.14 20.65 11.69
N ILE A 555 17.91 19.65 12.53
CA ILE A 555 17.54 19.86 13.93
C ILE A 555 18.57 20.71 14.70
N ALA A 556 19.84 20.62 14.31
CA ALA A 556 20.92 21.36 14.96
C ALA A 556 20.86 22.86 14.70
N LYS A 557 20.24 23.25 13.59
CA LYS A 557 20.14 24.67 13.21
C LYS A 557 18.86 25.36 13.69
N VAL A 558 17.87 24.56 14.11
CA VAL A 558 16.59 25.07 14.62
C VAL A 558 16.85 26.08 15.75
N GLN A 559 16.16 27.21 15.69
CA GLN A 559 16.27 28.25 16.72
C GLN A 559 14.91 28.46 17.36
N ASP A 560 14.90 28.99 18.58
CA ASP A 560 13.65 29.33 19.26
C ASP A 560 12.83 30.27 18.38
N GLY A 561 11.54 29.96 18.25
CA GLY A 561 10.63 30.80 17.49
C GLY A 561 10.29 30.25 16.12
N ASP A 562 11.25 29.58 15.49
CA ASP A 562 11.05 28.95 14.18
C ASP A 562 9.77 28.14 14.18
N LEU A 563 8.99 28.24 13.10
CA LEU A 563 7.81 27.42 12.95
C LEU A 563 8.18 26.01 12.52
N ILE A 564 7.65 25.03 13.24
CA ILE A 564 7.81 23.62 12.90
C ILE A 564 6.43 23.00 12.73
N ARG A 565 6.24 22.33 11.59
CA ARG A 565 4.99 21.65 11.32
C ARG A 565 5.20 20.16 11.50
N VAL A 566 4.53 19.59 12.50
CA VAL A 566 4.42 18.13 12.61
C VAL A 566 3.03 17.71 12.14
N ASP A 567 2.98 17.14 10.94
CA ASP A 567 1.74 16.71 10.33
C ASP A 567 1.74 15.19 10.20
N ALA A 568 1.05 14.53 11.12
CA ALA A 568 0.96 13.07 11.13
C ALA A 568 -0.10 12.56 10.16
N LEU A 569 -0.88 13.49 9.63
CA LEU A 569 -1.93 13.18 8.67
C LEU A 569 -1.35 12.95 7.27
N THR A 570 -0.47 13.87 6.84
CA THR A 570 0.15 13.75 5.52
C THR A 570 1.51 13.07 5.58
N GLY A 571 2.12 13.06 6.77
CA GLY A 571 3.44 12.47 6.95
C GLY A 571 4.53 13.51 6.77
N GLU A 572 4.16 14.76 7.00
CA GLU A 572 5.07 15.88 6.80
C GLU A 572 5.71 16.31 8.12
N LEU A 573 7.01 16.55 8.07
CA LEU A 573 7.76 17.16 9.16
C LEU A 573 8.65 18.27 8.57
N SER A 574 8.24 19.52 8.76
CA SER A 574 8.92 20.65 8.13
C SER A 574 9.33 21.74 9.10
N LEU A 575 10.57 22.20 8.97
CA LEU A 575 11.01 23.44 9.57
C LEU A 575 10.71 24.58 8.59
N LEU A 576 9.87 25.51 9.02
CA LEU A 576 9.33 26.54 8.12
C LEU A 576 10.25 27.76 8.02
N VAL A 577 11.49 27.51 7.63
CA VAL A 577 12.45 28.57 7.32
C VAL A 577 13.08 28.25 5.97
N SER A 578 13.43 29.28 5.21
CA SER A 578 14.00 29.10 3.88
C SER A 578 15.38 28.46 3.93
N ASP A 579 15.75 27.77 2.85
CA ASP A 579 17.10 27.23 2.69
C ASP A 579 18.15 28.34 2.80
N THR A 580 17.82 29.51 2.26
CA THR A 580 18.73 30.67 2.29
C THR A 580 18.99 31.19 3.71
N GLU A 581 17.93 31.30 4.51
CA GLU A 581 18.09 31.69 5.93
C GLU A 581 18.87 30.63 6.72
N LEU A 582 18.78 29.38 6.28
CA LEU A 582 19.51 28.30 6.95
C LEU A 582 21.01 28.29 6.63
N ALA A 583 21.35 28.84 5.47
CA ALA A 583 22.75 28.97 5.06
C ALA A 583 23.52 30.01 5.88
N THR A 584 22.80 30.97 6.45
CA THR A 584 23.41 32.00 7.30
C THR A 584 23.69 31.48 8.71
N ARG A 585 22.90 30.49 9.13
CA ARG A 585 22.94 29.96 10.50
C ARG A 585 24.12 29.02 10.77
N THR A 586 24.72 29.19 11.95
CA THR A 586 25.68 28.23 12.46
C THR A 586 25.01 27.45 13.59
N ALA A 587 25.08 26.13 13.50
CA ALA A 587 24.55 25.27 14.56
C ALA A 587 25.31 25.56 15.85
N THR A 588 24.57 25.69 16.95
CA THR A 588 25.21 25.85 18.25
C THR A 588 25.96 24.59 18.65
N GLU A 589 27.07 24.77 19.37
CA GLU A 589 27.90 23.65 19.80
C GLU A 589 27.27 22.98 21.01
N ILE A 590 26.96 21.70 20.86
CA ILE A 590 26.41 20.92 21.97
C ILE A 590 27.55 20.36 22.82
N ASP A 591 27.50 20.66 24.12
CA ASP A 591 28.50 20.22 25.08
C ASP A 591 28.23 18.80 25.55
N LEU A 592 28.94 17.84 24.97
CA LEU A 592 28.70 16.42 25.28
C LEU A 592 29.73 15.83 26.25
N ARG A 593 30.58 16.68 26.80
CA ARG A 593 31.67 16.24 27.69
C ARG A 593 31.23 15.30 28.80
N HIS A 594 30.06 15.58 29.39
CA HIS A 594 29.53 14.77 30.48
C HIS A 594 28.83 13.48 30.03
N SER A 595 28.75 13.28 28.71
CA SER A 595 28.20 12.04 28.15
C SER A 595 29.32 11.15 27.61
N ARG A 596 30.57 11.52 27.87
CA ARG A 596 31.71 10.84 27.27
C ARG A 596 32.51 10.02 28.28
N TYR A 597 32.35 10.33 29.57
CA TYR A 597 33.01 9.59 30.65
C TYR A 597 32.07 9.45 31.85
N GLY A 598 32.41 8.54 32.76
CA GLY A 598 31.58 8.26 33.94
C GLY A 598 30.62 7.11 33.68
N MSE A 599 30.51 6.21 34.65
CA MSE A 599 29.69 4.99 34.53
C MSE A 599 30.14 4.08 33.39
O MSE A 599 29.33 3.36 32.78
CB MSE A 599 28.20 5.35 34.41
CG MSE A 599 27.62 5.92 35.68
SE MSE A 599 27.10 4.50 36.93
CE MSE A 599 25.18 4.49 36.49
N GLY A 600 31.44 4.12 33.09
CA GLY A 600 32.03 3.26 32.07
C GLY A 600 31.87 3.75 30.66
N ARG A 601 31.38 4.98 30.48
CA ARG A 601 31.13 5.52 29.16
C ARG A 601 32.41 5.73 28.34
N GLU A 602 33.52 5.93 29.05
CA GLU A 602 34.87 6.01 28.45
C GLU A 602 35.16 4.84 27.53
N LEU A 603 34.53 3.70 27.81
CA LEU A 603 34.86 2.45 27.14
C LEU A 603 34.17 2.30 25.78
N PHE A 604 33.14 3.11 25.53
CA PHE A 604 32.23 2.90 24.41
C PHE A 604 32.31 3.98 23.34
N GLY A 605 33.25 4.91 23.49
CA GLY A 605 33.39 6.04 22.58
C GLY A 605 33.49 5.65 21.11
N VAL A 606 34.22 4.57 20.85
CA VAL A 606 34.47 4.07 19.50
C VAL A 606 33.22 3.40 18.91
N LEU A 607 32.48 2.67 19.74
CA LEU A 607 31.23 2.05 19.32
C LEU A 607 30.13 3.08 19.15
N ARG A 608 29.96 3.94 20.16
CA ARG A 608 28.94 5.00 20.14
C ARG A 608 29.11 5.90 18.92
N SER A 609 30.36 6.23 18.62
CA SER A 609 30.70 7.13 17.53
C SER A 609 30.39 6.53 16.15
N ASN A 610 30.32 5.20 16.09
CA ASN A 610 30.06 4.48 14.84
C ASN A 610 28.64 3.90 14.73
N LEU A 611 27.78 4.24 15.69
CA LEU A 611 26.38 3.81 15.65
C LEU A 611 25.68 4.39 14.41
N SER A 612 25.02 3.53 13.66
CA SER A 612 24.31 3.98 12.46
C SER A 612 22.98 4.61 12.85
N SER A 613 22.24 5.09 11.86
CA SER A 613 20.96 5.74 12.07
C SER A 613 19.94 4.73 12.63
N PRO A 614 19.01 5.21 13.48
CA PRO A 614 17.90 4.37 13.94
C PRO A 614 17.21 3.54 12.83
N GLU A 615 17.00 4.13 11.66
CA GLU A 615 16.35 3.46 10.54
C GLU A 615 17.19 2.30 9.98
N THR A 616 18.51 2.36 10.21
CA THR A 616 19.42 1.29 9.79
C THR A 616 19.79 0.41 10.97
N GLY A 617 19.08 0.59 12.09
CA GLY A 617 19.17 -0.28 13.25
C GLY A 617 20.08 0.18 14.36
N ALA A 618 20.65 1.39 14.22
CA ALA A 618 21.67 1.90 15.13
C ALA A 618 22.79 0.88 15.40
N ARG A 619 23.33 0.35 14.30
CA ARG A 619 24.36 -0.69 14.33
C ARG A 619 25.73 -0.06 14.46
N SER A 620 26.65 -0.76 15.12
CA SER A 620 28.07 -0.45 15.03
C SER A 620 28.77 -1.59 14.28
N THR A 621 28.04 -2.70 14.14
CA THR A 621 28.59 -3.90 13.52
C THR A 621 28.40 -3.89 12.00
N SER A 622 29.09 -4.81 11.33
CA SER A 622 28.91 -5.06 9.91
C SER A 622 28.25 -6.41 9.70
N ALA A 623 27.52 -6.54 8.59
CA ALA A 623 26.93 -7.79 8.17
C ALA A 623 27.91 -8.54 7.29
N ILE A 624 27.77 -9.87 7.24
CA ILE A 624 28.59 -10.73 6.37
C ILE A 624 28.71 -10.14 4.96
N ASP A 625 27.56 -9.84 4.36
CA ASP A 625 27.46 -9.44 2.94
C ASP A 625 28.15 -8.13 2.59
N GLU A 626 28.32 -7.26 3.58
CA GLU A 626 29.00 -5.98 3.38
C GLU A 626 30.50 -6.16 3.30
N LEU A 627 30.97 -7.38 3.56
CA LEU A 627 32.38 -7.72 3.48
C LEU A 627 32.62 -8.96 2.63
N TYR A 628 31.54 -9.60 2.21
CA TYR A 628 31.61 -10.80 1.38
C TYR A 628 32.01 -10.47 -0.06
N HIS B 20 5.11 -16.14 -23.48
CA HIS B 20 5.71 -16.28 -22.11
C HIS B 20 5.13 -15.21 -21.16
N MSE B 21 3.82 -15.07 -21.21
CA MSE B 21 3.12 -13.99 -20.53
C MSE B 21 2.93 -14.28 -19.04
O MSE B 21 2.89 -15.43 -18.62
CB MSE B 21 1.74 -13.78 -21.19
CG MSE B 21 1.81 -13.37 -22.65
SE MSE B 21 2.45 -11.54 -22.89
CE MSE B 21 0.92 -10.60 -22.08
N HIS B 22 2.82 -13.19 -18.26
CA HIS B 22 2.35 -13.26 -16.88
C HIS B 22 1.05 -14.04 -16.89
N SER B 23 0.98 -15.09 -16.09
CA SER B 23 -0.15 -16.03 -16.10
C SER B 23 -1.53 -15.38 -15.86
N VAL B 24 -1.56 -14.31 -15.06
CA VAL B 24 -2.81 -13.59 -14.82
C VAL B 24 -3.26 -12.82 -16.08
N VAL B 25 -2.34 -12.14 -16.75
CA VAL B 25 -2.66 -11.42 -17.98
C VAL B 25 -3.12 -12.43 -19.04
N GLN B 26 -2.40 -13.55 -19.14
CA GLN B 26 -2.77 -14.63 -20.04
C GLN B 26 -4.13 -15.26 -19.70
N SER B 27 -4.41 -15.46 -18.42
CA SER B 27 -5.67 -16.12 -18.02
C SER B 27 -6.89 -15.20 -18.23
N VAL B 28 -6.70 -13.90 -18.00
CA VAL B 28 -7.74 -12.92 -18.27
C VAL B 28 -7.95 -12.80 -19.77
N THR B 29 -6.85 -12.77 -20.52
CA THR B 29 -6.91 -12.74 -21.99
C THR B 29 -7.67 -13.96 -22.53
N ASP B 30 -7.35 -15.13 -21.98
CA ASP B 30 -8.00 -16.37 -22.39
C ASP B 30 -9.49 -16.38 -22.10
N ARG B 31 -9.87 -15.86 -20.93
CA ARG B 31 -11.27 -15.76 -20.54
C ARG B 31 -12.03 -14.81 -21.47
N ILE B 32 -11.41 -13.69 -21.80
CA ILE B 32 -11.99 -12.73 -22.74
C ILE B 32 -12.19 -13.35 -24.12
N ILE B 33 -11.20 -14.13 -24.59
CA ILE B 33 -11.31 -14.85 -25.86
C ILE B 33 -12.46 -15.84 -25.84
N ALA B 34 -12.58 -16.59 -24.73
CA ALA B 34 -13.58 -17.64 -24.57
C ALA B 34 -15.01 -17.08 -24.49
N ARG B 35 -15.13 -15.91 -23.86
CA ARG B 35 -16.42 -15.23 -23.68
C ARG B 35 -16.87 -14.52 -24.96
N SER B 36 -15.90 -14.06 -25.76
CA SER B 36 -16.16 -13.32 -26.99
C SER B 36 -16.25 -14.25 -28.22
N LYS B 37 -16.01 -15.54 -27.98
CA LYS B 37 -15.96 -16.56 -29.02
C LYS B 37 -16.93 -16.37 -30.18
N ALA B 38 -18.23 -16.48 -29.90
CA ALA B 38 -19.26 -16.37 -30.94
C ALA B 38 -19.42 -14.94 -31.46
N SER B 39 -19.21 -13.95 -30.58
CA SER B 39 -19.41 -12.57 -30.95
C SER B 39 -18.29 -12.04 -31.83
N ARG B 40 -17.04 -12.38 -31.48
CA ARG B 40 -15.88 -12.02 -32.29
C ARG B 40 -15.94 -12.70 -33.67
N GLU B 41 -16.35 -13.97 -33.69
CA GLU B 41 -16.52 -14.72 -34.94
C GLU B 41 -17.56 -14.06 -35.84
N ALA B 42 -18.70 -13.70 -35.27
CA ALA B 42 -19.77 -13.04 -36.03
C ALA B 42 -19.35 -11.66 -36.53
N TYR B 43 -18.56 -10.95 -35.71
CA TYR B 43 -18.05 -9.64 -36.12
C TYR B 43 -17.08 -9.76 -37.29
N LEU B 44 -16.16 -10.71 -37.22
CA LEU B 44 -15.17 -10.92 -38.28
C LEU B 44 -15.80 -11.45 -39.57
N ALA B 45 -16.84 -12.26 -39.44
CA ALA B 45 -17.63 -12.74 -40.57
C ALA B 45 -18.32 -11.58 -41.28
N ALA B 46 -18.82 -10.62 -40.49
CA ALA B 46 -19.46 -9.42 -41.03
C ALA B 46 -18.47 -8.56 -41.79
N LEU B 47 -17.26 -8.45 -41.26
CA LEU B 47 -16.17 -7.73 -41.93
C LEU B 47 -15.87 -8.33 -43.28
N ASN B 48 -15.74 -9.65 -43.33
CA ASN B 48 -15.46 -10.37 -44.59
C ASN B 48 -16.56 -10.20 -45.65
N ASP B 49 -17.81 -10.09 -45.20
CA ASP B 49 -18.93 -9.77 -46.09
C ASP B 49 -18.78 -8.37 -46.68
N ALA B 50 -18.47 -7.40 -45.83
CA ALA B 50 -18.25 -6.01 -46.25
C ALA B 50 -16.99 -5.87 -47.10
N ARG B 51 -16.08 -6.83 -46.96
CA ARG B 51 -14.86 -6.90 -47.73
C ARG B 51 -15.20 -7.23 -49.19
N ASN B 52 -16.17 -8.13 -49.36
CA ASN B 52 -16.67 -8.51 -50.68
C ASN B 52 -17.88 -7.68 -51.10
N HIS B 53 -17.71 -6.35 -51.06
CA HIS B 53 -18.74 -5.41 -51.52
C HIS B 53 -18.13 -4.14 -52.08
N LYS B 113 -6.22 19.89 -29.93
CA LYS B 113 -5.45 21.02 -29.41
C LYS B 113 -6.21 21.65 -28.24
N ALA B 114 -6.57 22.93 -28.38
CA ALA B 114 -7.42 23.60 -27.40
C ALA B 114 -8.88 23.19 -27.60
N CYS B 115 -9.64 23.17 -26.51
CA CYS B 115 -11.03 22.70 -26.51
C CYS B 115 -12.01 23.71 -27.13
N GLN B 116 -11.79 24.02 -28.40
CA GLN B 116 -12.61 24.96 -29.15
C GLN B 116 -12.97 24.38 -30.53
N GLU B 117 -13.58 23.19 -30.50
CA GLU B 117 -14.06 22.44 -31.68
C GLU B 117 -12.99 22.04 -32.69
N VAL B 118 -13.24 20.91 -33.36
CA VAL B 118 -12.26 20.25 -34.22
C VAL B 118 -12.35 18.75 -34.00
N GLY B 119 -12.56 18.01 -35.07
CA GLY B 119 -12.78 16.57 -35.00
C GLY B 119 -13.36 16.11 -36.32
N SER B 120 -12.53 15.47 -37.12
CA SER B 120 -12.92 15.13 -38.49
C SER B 120 -12.32 13.81 -38.95
N VAL B 121 -13.06 13.14 -39.82
CA VAL B 121 -12.64 11.89 -40.43
C VAL B 121 -12.23 12.19 -41.87
N ALA B 122 -10.92 12.22 -42.12
CA ALA B 122 -10.40 12.37 -43.47
C ALA B 122 -10.20 10.98 -44.07
N GLN B 123 -10.69 10.79 -45.29
CA GLN B 123 -10.76 9.46 -45.87
C GLN B 123 -10.02 9.40 -47.21
N VAL B 124 -9.35 8.28 -47.47
CA VAL B 124 -8.52 8.13 -48.67
C VAL B 124 -9.16 7.27 -49.76
N ALA B 125 -8.80 7.53 -51.01
CA ALA B 125 -9.29 6.77 -52.15
C ALA B 125 -8.15 6.05 -52.86
N VAL B 128 -9.48 13.49 -48.04
CA VAL B 128 -10.84 13.90 -48.38
C VAL B 128 -11.79 13.63 -47.21
N PRO B 129 -12.11 14.68 -46.41
CA PRO B 129 -13.04 14.58 -45.29
C PRO B 129 -14.48 14.29 -45.71
N CYS B 132 -17.53 16.09 -37.49
CA CYS B 132 -17.76 15.31 -36.27
C CYS B 132 -17.69 16.15 -35.01
N ASP B 133 -18.65 15.91 -34.13
CA ASP B 133 -18.82 16.61 -32.88
C ASP B 133 -17.58 16.57 -31.95
N GLY B 134 -17.36 17.65 -31.22
CA GLY B 134 -16.16 17.81 -30.39
C GLY B 134 -16.39 17.62 -28.91
N VAL B 135 -15.85 18.54 -28.11
CA VAL B 135 -15.84 18.42 -26.65
C VAL B 135 -17.20 18.77 -26.04
N THR B 136 -17.37 18.45 -24.76
CA THR B 136 -18.57 18.83 -24.00
C THR B 136 -18.32 18.81 -22.48
N GLN B 137 -18.49 19.97 -21.86
CA GLN B 137 -18.18 20.17 -20.44
C GLN B 137 -19.15 21.19 -19.85
N GLY B 138 -18.68 22.00 -18.90
CA GLY B 138 -19.55 22.92 -18.18
C GLY B 138 -20.33 22.18 -17.11
N GLN B 139 -21.57 22.61 -16.87
CA GLN B 139 -22.38 22.01 -15.80
C GLN B 139 -23.63 21.24 -16.30
N PRO B 140 -24.63 21.94 -16.88
CA PRO B 140 -25.70 21.17 -17.54
C PRO B 140 -25.18 20.48 -18.81
N GLY B 141 -24.14 21.04 -19.40
CA GLY B 141 -23.45 20.43 -20.54
C GLY B 141 -22.76 19.11 -20.23
N MSE B 142 -22.25 18.97 -19.01
CA MSE B 142 -21.69 17.71 -18.51
C MSE B 142 -22.67 16.55 -18.61
O MSE B 142 -22.27 15.40 -18.76
CB MSE B 142 -21.19 17.82 -17.07
CG MSE B 142 -19.67 17.82 -16.87
SE MSE B 142 -18.59 16.27 -17.50
CE MSE B 142 -19.81 14.78 -17.31
N GLU B 143 -23.95 16.86 -18.56
CA GLU B 143 -25.01 15.87 -18.72
C GLU B 143 -25.11 15.35 -20.17
N LEU B 144 -24.33 15.93 -21.07
CA LEU B 144 -24.29 15.50 -22.48
C LEU B 144 -22.97 14.84 -22.87
N SER B 145 -22.01 14.84 -21.94
CA SER B 145 -20.65 14.39 -22.21
C SER B 145 -20.54 12.92 -22.63
N LEU B 146 -21.21 12.03 -21.90
CA LEU B 146 -21.22 10.61 -22.24
C LEU B 146 -22.09 10.37 -23.49
N LEU B 147 -23.23 11.04 -23.56
CA LEU B 147 -24.07 10.99 -24.76
C LEU B 147 -23.33 11.44 -26.03
N SER B 148 -22.54 12.51 -25.92
CA SER B 148 -21.75 13.01 -27.05
C SER B 148 -20.91 11.92 -27.70
N ARG B 149 -20.44 10.97 -26.90
CA ARG B 149 -19.67 9.84 -27.44
C ARG B 149 -20.49 9.06 -28.45
N GLU B 150 -21.76 8.80 -28.11
CA GLU B 150 -22.66 8.09 -29.01
C GLU B 150 -22.92 8.91 -30.27
N VAL B 151 -23.15 10.22 -30.09
CA VAL B 151 -23.38 11.11 -31.24
C VAL B 151 -22.18 11.07 -32.20
N ILE B 152 -20.97 11.09 -31.65
CA ILE B 152 -19.74 11.06 -32.44
C ILE B 152 -19.60 9.77 -33.25
N ALA B 153 -19.86 8.63 -32.61
CA ALA B 153 -19.86 7.32 -33.28
C ALA B 153 -20.84 7.31 -34.45
N MSE B 154 -22.05 7.81 -34.21
CA MSE B 154 -23.06 7.96 -35.24
C MSE B 154 -22.62 8.88 -36.39
O MSE B 154 -22.81 8.56 -37.56
CB MSE B 154 -24.38 8.44 -34.64
CG MSE B 154 -25.32 7.32 -34.25
SE MSE B 154 -26.75 7.87 -33.05
CE MSE B 154 -25.99 7.22 -31.39
N ALA B 155 -22.00 10.00 -36.04
CA ALA B 155 -21.50 10.95 -37.04
C ALA B 155 -20.37 10.34 -37.88
N THR B 156 -19.52 9.54 -37.24
CA THR B 156 -18.46 8.80 -37.92
C THR B 156 -19.03 7.83 -38.96
N ALA B 157 -20.03 7.05 -38.56
CA ALA B 157 -20.72 6.15 -39.48
C ALA B 157 -21.32 6.89 -40.69
N VAL B 158 -22.05 7.97 -40.42
CA VAL B 158 -22.65 8.79 -41.48
C VAL B 158 -21.59 9.20 -42.50
N GLY B 159 -20.45 9.68 -42.01
CA GLY B 159 -19.34 10.09 -42.86
C GLY B 159 -18.74 8.94 -43.64
N LEU B 160 -18.62 7.79 -43.00
CA LEU B 160 -18.03 6.61 -43.66
C LEU B 160 -19.03 5.87 -44.56
N SER B 161 -20.32 6.06 -44.31
CA SER B 161 -21.37 5.39 -45.07
C SER B 161 -21.42 5.78 -46.55
N HIS B 162 -20.60 6.76 -46.93
CA HIS B 162 -20.46 7.14 -48.35
C HIS B 162 -19.82 6.01 -49.16
N ASN B 163 -19.08 5.13 -48.46
CA ASN B 163 -18.42 3.94 -49.04
C ASN B 163 -17.48 4.24 -50.21
N MSE B 164 -16.83 5.39 -50.15
CA MSE B 164 -15.92 5.85 -51.19
C MSE B 164 -14.46 5.69 -50.79
O MSE B 164 -13.57 6.27 -51.42
CB MSE B 164 -16.21 7.33 -51.54
CG MSE B 164 -17.59 7.58 -52.13
SE MSE B 164 -17.88 6.63 -53.81
CE MSE B 164 -17.04 7.89 -55.06
N PHE B 165 -14.21 4.89 -49.75
CA PHE B 165 -12.89 4.87 -49.10
C PHE B 165 -12.28 3.48 -48.94
N ASP B 166 -11.01 3.36 -49.34
CA ASP B 166 -10.25 2.13 -49.16
C ASP B 166 -9.59 2.14 -47.78
N GLY B 167 -9.46 3.33 -47.21
CA GLY B 167 -8.95 3.53 -45.86
C GLY B 167 -9.33 4.91 -45.36
N ALA B 168 -9.09 5.19 -44.09
CA ALA B 168 -9.47 6.46 -43.49
C ALA B 168 -8.51 6.91 -42.39
N LEU B 169 -8.41 8.22 -42.20
CA LEU B 169 -7.62 8.82 -41.13
C LEU B 169 -8.53 9.54 -40.15
N LEU B 170 -8.27 9.34 -38.85
CA LEU B 170 -9.13 9.86 -37.81
C LEU B 170 -8.42 10.94 -36.99
N LEU B 171 -8.87 12.18 -37.13
CA LEU B 171 -8.28 13.30 -36.40
C LEU B 171 -9.03 13.53 -35.10
N GLY B 172 -8.62 12.80 -34.06
CA GLY B 172 -9.31 12.84 -32.79
C GLY B 172 -8.46 13.37 -31.66
N ILE B 173 -8.94 14.45 -31.04
CA ILE B 173 -8.25 15.16 -29.97
C ILE B 173 -7.78 14.21 -28.86
N CYS B 174 -8.63 14.00 -27.84
CA CYS B 174 -8.33 13.10 -26.73
C CYS B 174 -9.59 12.81 -25.90
N LYS B 176 -12.49 11.60 -24.53
CA LYS B 176 -13.91 11.58 -24.82
C LYS B 176 -14.25 11.59 -26.32
N ILE B 177 -13.42 12.25 -27.11
CA ILE B 177 -13.60 12.30 -28.56
C ILE B 177 -13.13 11.02 -29.25
N VAL B 178 -12.02 10.46 -28.78
CA VAL B 178 -11.44 9.27 -29.36
C VAL B 178 -12.34 8.02 -29.30
N PRO B 179 -12.92 7.70 -28.12
CA PRO B 179 -13.79 6.54 -27.97
C PRO B 179 -14.93 6.48 -29.01
N GLY B 180 -15.62 7.59 -29.21
CA GLY B 180 -16.70 7.71 -30.21
C GLY B 180 -16.25 7.47 -31.64
N LEU B 181 -15.05 7.96 -31.98
CA LEU B 181 -14.48 7.72 -33.30
C LEU B 181 -14.11 6.25 -33.48
N LEU B 182 -13.66 5.62 -32.40
CA LEU B 182 -13.26 4.20 -32.44
C LEU B 182 -14.48 3.31 -32.63
N ILE B 183 -15.52 3.56 -31.83
CA ILE B 183 -16.78 2.83 -31.90
C ILE B 183 -17.37 2.87 -33.32
N GLY B 184 -17.51 4.08 -33.87
CA GLY B 184 -18.05 4.28 -35.21
C GLY B 184 -17.19 3.66 -36.29
N ALA B 185 -15.87 3.84 -36.16
CA ALA B 185 -14.90 3.29 -37.10
C ALA B 185 -15.04 1.78 -37.25
N LEU B 186 -15.28 1.09 -36.14
CA LEU B 186 -15.37 -0.38 -36.09
C LEU B 186 -16.58 -0.95 -36.83
N SER B 187 -17.59 -0.12 -37.10
CA SER B 187 -18.69 -0.49 -37.98
C SER B 187 -18.19 -0.64 -39.41
N PHE B 188 -17.01 -0.07 -39.65
CA PHE B 188 -16.32 -0.20 -40.91
C PHE B 188 -14.95 -0.82 -40.63
N GLY B 189 -14.97 -1.94 -39.89
CA GLY B 189 -13.75 -2.61 -39.42
C GLY B 189 -12.86 -3.19 -40.52
N HIS B 190 -13.44 -3.40 -41.70
CA HIS B 190 -12.73 -3.94 -42.85
C HIS B 190 -11.74 -2.97 -43.49
N LEU B 191 -11.89 -1.68 -43.23
CA LEU B 191 -10.97 -0.68 -43.75
C LEU B 191 -9.79 -0.43 -42.79
N PRO B 192 -8.57 -0.24 -43.32
CA PRO B 192 -7.44 0.16 -42.50
C PRO B 192 -7.57 1.62 -42.12
N MSE B 193 -7.20 1.95 -40.89
CA MSE B 193 -7.36 3.30 -40.38
C MSE B 193 -6.25 3.68 -39.43
O MSE B 193 -5.75 2.85 -38.68
CB MSE B 193 -8.70 3.44 -39.65
CG MSE B 193 -9.91 3.21 -40.51
SE MSE B 193 -11.50 3.80 -39.61
CE MSE B 193 -12.81 2.90 -40.74
N LEU B 194 -5.86 4.95 -39.47
CA LEU B 194 -4.90 5.48 -38.52
C LEU B 194 -5.49 6.65 -37.76
N PHE B 195 -5.28 6.66 -36.46
CA PHE B 195 -5.54 7.84 -35.66
C PHE B 195 -4.40 8.82 -35.88
N VAL B 196 -4.75 10.10 -36.02
CA VAL B 196 -3.75 11.14 -36.21
C VAL B 196 -3.87 12.18 -35.10
N PRO B 197 -2.94 12.12 -34.13
CA PRO B 197 -2.97 13.03 -32.98
C PRO B 197 -2.31 14.38 -33.27
N ALA B 198 -2.75 15.42 -32.55
CA ALA B 198 -2.21 16.77 -32.69
C ALA B 198 -1.17 17.08 -31.62
N GLY B 199 -1.22 16.36 -30.51
CA GLY B 199 -0.27 16.58 -29.42
C GLY B 199 -0.84 17.39 -28.27
N PRO B 200 -0.03 17.60 -27.22
CA PRO B 200 -0.48 18.28 -26.00
C PRO B 200 -0.68 19.77 -26.23
N GLN B 251 -4.68 9.54 -24.29
CA GLN B 251 -3.89 9.30 -25.50
C GLN B 251 -3.06 8.03 -25.41
N LEU B 252 -2.82 7.59 -24.18
CA LEU B 252 -2.00 6.41 -23.92
C LEU B 252 -2.68 5.11 -24.34
N MSE B 253 -3.98 5.18 -24.67
CA MSE B 253 -4.72 4.00 -25.12
C MSE B 253 -4.43 3.65 -26.58
O MSE B 253 -4.23 2.48 -26.90
CB MSE B 253 -6.23 4.15 -24.86
CG MSE B 253 -6.98 2.82 -24.95
SE MSE B 253 -8.89 2.92 -25.37
CE MSE B 253 -8.89 4.32 -26.76
N LEU B 254 -4.43 4.67 -27.45
CA LEU B 254 -4.14 4.47 -28.88
C LEU B 254 -2.71 4.02 -29.12
N GLU B 255 -1.82 4.43 -28.21
CA GLU B 255 -0.40 4.08 -28.30
C GLU B 255 -0.15 2.58 -28.15
N VAL B 256 -0.59 2.01 -27.02
CA VAL B 256 -0.42 0.58 -26.74
C VAL B 256 -1.21 -0.32 -27.67
N MSE B 257 -2.34 0.17 -28.17
CA MSE B 257 -3.21 -0.62 -29.03
C MSE B 257 -2.77 -0.62 -30.50
O MSE B 257 -3.34 -1.33 -31.32
CB MSE B 257 -4.66 -0.17 -28.91
CG MSE B 257 -5.26 -0.38 -27.53
SE MSE B 257 -7.19 -0.16 -27.48
CE MSE B 257 -7.34 1.54 -28.41
N GLY B 258 -1.75 0.18 -30.82
CA GLY B 258 -1.22 0.28 -32.17
C GLY B 258 -2.19 0.87 -33.18
N LEU B 259 -2.91 1.91 -32.75
CA LEU B 259 -3.89 2.59 -33.58
C LEU B 259 -3.36 3.91 -34.13
N GLN B 260 -2.19 4.32 -33.63
CA GLN B 260 -1.44 5.43 -34.21
C GLN B 260 0.04 5.10 -34.26
N LEU B 261 0.83 5.95 -34.92
CA LEU B 261 2.28 5.78 -35.00
C LEU B 261 2.97 5.82 -33.63
N PRO B 262 4.06 5.06 -33.45
CA PRO B 262 4.84 5.12 -32.21
C PRO B 262 5.36 6.54 -31.88
N GLY B 263 5.05 7.00 -30.68
CA GLY B 263 5.57 8.28 -30.18
C GLY B 263 4.88 9.49 -30.78
N SER B 264 3.82 9.25 -31.54
CA SER B 264 3.14 10.28 -32.28
C SER B 264 2.33 11.26 -31.44
N SER B 265 1.92 10.83 -30.25
CA SER B 265 0.96 11.61 -29.45
C SER B 265 1.57 12.76 -28.64
N PHE B 266 2.88 12.75 -28.43
CA PHE B 266 3.52 13.65 -27.48
C PHE B 266 4.24 14.83 -28.09
N VAL B 267 4.53 14.73 -29.39
CA VAL B 267 5.12 15.80 -30.16
C VAL B 267 4.21 17.03 -30.09
N ASN B 268 4.79 18.19 -29.76
CA ASN B 268 4.05 19.45 -29.71
C ASN B 268 3.55 19.88 -31.09
N PRO B 269 2.30 20.38 -31.16
CA PRO B 269 1.62 20.70 -32.43
C PRO B 269 2.39 21.65 -33.35
N ASP B 270 3.27 22.46 -32.78
CA ASP B 270 4.05 23.44 -33.55
C ASP B 270 5.45 22.95 -33.93
N ASP B 271 5.83 21.77 -33.41
CA ASP B 271 7.10 21.12 -33.75
C ASP B 271 7.05 20.59 -35.19
N PRO B 272 8.07 20.91 -36.02
CA PRO B 272 8.26 20.33 -37.35
C PRO B 272 7.95 18.84 -37.44
N LEU B 273 8.31 18.09 -36.40
CA LEU B 273 8.14 16.64 -36.36
C LEU B 273 6.69 16.18 -36.46
N ARG B 274 5.77 16.96 -35.86
CA ARG B 274 4.33 16.71 -35.97
C ARG B 274 3.91 16.70 -37.43
N GLU B 275 4.35 17.72 -38.18
CA GLU B 275 4.05 17.84 -39.60
C GLU B 275 4.60 16.66 -40.42
N ALA B 276 5.75 16.14 -39.99
CA ALA B 276 6.34 14.96 -40.61
C ALA B 276 5.55 13.70 -40.29
N LEU B 277 5.05 13.63 -39.05
CA LEU B 277 4.25 12.49 -38.59
C LEU B 277 2.85 12.45 -39.21
N ASN B 278 2.36 13.61 -39.64
CA ASN B 278 1.07 13.71 -40.33
C ASN B 278 1.14 13.11 -41.73
N LYS B 279 2.21 13.43 -42.45
CA LYS B 279 2.44 12.90 -43.79
C LYS B 279 2.67 11.39 -43.73
N MSE B 280 3.41 10.95 -42.73
CA MSE B 280 3.72 9.53 -42.55
C MSE B 280 2.47 8.71 -42.29
O MSE B 280 2.34 7.58 -42.77
CB MSE B 280 4.72 9.34 -41.39
CG MSE B 280 5.45 8.00 -41.40
SE MSE B 280 6.21 7.54 -43.14
CE MSE B 280 5.08 6.02 -43.61
N ALA B 281 1.54 9.28 -41.52
CA ALA B 281 0.25 8.64 -41.26
C ALA B 281 -0.51 8.42 -42.57
N ALA B 282 -0.58 9.47 -43.40
CA ALA B 282 -1.26 9.43 -44.69
C ALA B 282 -0.60 8.45 -45.66
N LYS B 283 0.71 8.27 -45.53
CA LYS B 283 1.46 7.32 -46.35
C LYS B 283 1.20 5.87 -45.92
N GLN B 284 1.08 5.67 -44.61
CA GLN B 284 0.88 4.33 -44.03
C GLN B 284 -0.45 3.67 -44.36
N VAL B 285 -1.57 4.39 -44.17
CA VAL B 285 -2.90 3.85 -44.49
C VAL B 285 -2.96 3.21 -45.87
N CYS B 286 -2.40 3.93 -46.85
CA CYS B 286 -2.34 3.49 -48.24
C CYS B 286 -1.63 2.13 -48.40
N ARG B 287 -0.58 1.91 -47.63
CA ARG B 287 0.15 0.63 -47.62
C ARG B 287 -0.63 -0.49 -46.93
N LEU B 288 -1.55 -0.11 -46.05
CA LEU B 288 -2.33 -1.05 -45.24
C LEU B 288 -3.65 -1.43 -45.93
N THR B 289 -3.82 -0.96 -47.16
CA THR B 289 -5.03 -1.17 -47.95
C THR B 289 -5.26 -2.64 -48.32
N GLU B 290 -6.50 -2.96 -48.65
CA GLU B 290 -6.89 -4.30 -49.11
C GLU B 290 -6.13 -4.75 -50.37
N LEU B 291 -5.78 -3.78 -51.22
CA LEU B 291 -4.99 -4.01 -52.45
C LEU B 291 -4.09 -5.25 -52.36
N GLY B 292 -3.32 -5.34 -51.28
CA GLY B 292 -2.42 -6.47 -51.06
C GLY B 292 -1.25 -6.05 -50.20
N THR B 293 -0.73 -7.00 -49.42
CA THR B 293 0.43 -6.82 -48.52
C THR B 293 0.13 -5.89 -47.35
N GLN B 294 0.41 -6.37 -46.14
CA GLN B 294 0.18 -5.61 -44.90
C GLN B 294 -1.26 -5.10 -44.73
N TYR B 295 -2.23 -5.80 -45.31
CA TYR B 295 -3.64 -5.49 -45.07
C TYR B 295 -3.91 -5.53 -43.58
N SER B 296 -4.22 -4.35 -43.03
CA SER B 296 -4.36 -4.17 -41.59
C SER B 296 -5.65 -3.42 -41.26
N PRO B 297 -6.82 -4.10 -41.39
CA PRO B 297 -8.07 -3.42 -41.09
C PRO B 297 -8.21 -3.14 -39.59
N ILE B 298 -8.76 -1.97 -39.24
CA ILE B 298 -8.91 -1.58 -37.82
C ILE B 298 -9.69 -2.60 -36.99
N GLY B 299 -10.62 -3.30 -37.65
CA GLY B 299 -11.38 -4.39 -37.03
C GLY B 299 -10.54 -5.61 -36.70
N GLU B 300 -9.33 -5.68 -37.26
CA GLU B 300 -8.36 -6.71 -36.88
C GLU B 300 -7.33 -6.19 -35.89
N VAL B 301 -6.88 -4.95 -36.08
CA VAL B 301 -5.92 -4.34 -35.16
C VAL B 301 -6.49 -4.30 -33.74
N VAL B 302 -7.76 -3.93 -33.61
CA VAL B 302 -8.49 -4.08 -32.36
C VAL B 302 -8.85 -5.54 -32.24
N ASN B 303 -8.32 -6.19 -31.20
CA ASN B 303 -8.61 -7.58 -30.91
C ASN B 303 -8.47 -7.81 -29.41
N GLU B 304 -8.68 -9.05 -28.96
CA GLU B 304 -8.62 -9.36 -27.55
C GLU B 304 -7.26 -9.05 -26.91
N LYS B 305 -6.18 -9.15 -27.67
CA LYS B 305 -4.85 -8.91 -27.12
C LYS B 305 -4.54 -7.41 -27.02
N SER B 306 -4.94 -6.64 -28.03
CA SER B 306 -4.71 -5.20 -27.99
C SER B 306 -5.63 -4.51 -26.99
N ILE B 307 -6.87 -5.00 -26.87
CA ILE B 307 -7.80 -4.50 -25.83
C ILE B 307 -7.19 -4.71 -24.44
N VAL B 308 -6.77 -5.94 -24.16
CA VAL B 308 -6.07 -6.26 -22.91
C VAL B 308 -4.85 -5.35 -22.72
N ASN B 309 -4.09 -5.15 -23.80
CA ASN B 309 -2.92 -4.25 -23.76
C ASN B 309 -3.35 -2.86 -23.30
N GLY B 310 -4.44 -2.36 -23.89
CA GLY B 310 -5.03 -1.07 -23.52
C GLY B 310 -5.34 -0.99 -22.03
N ILE B 311 -5.96 -2.04 -21.52
CA ILE B 311 -6.32 -2.11 -20.10
C ILE B 311 -5.09 -2.11 -19.19
N VAL B 312 -4.06 -2.90 -19.52
CA VAL B 312 -2.84 -2.91 -18.69
C VAL B 312 -2.11 -1.56 -18.67
N ALA B 313 -2.10 -0.86 -19.80
CA ALA B 313 -1.54 0.49 -19.87
C ALA B 313 -2.36 1.51 -19.08
N LEU B 314 -3.69 1.40 -19.13
CA LEU B 314 -4.57 2.19 -18.29
C LEU B 314 -4.13 2.04 -16.81
N LEU B 315 -3.93 0.79 -16.39
CA LEU B 315 -3.58 0.48 -15.01
C LEU B 315 -2.14 0.90 -14.63
N ALA B 316 -1.18 0.59 -15.49
CA ALA B 316 0.21 1.00 -15.30
C ALA B 316 0.42 2.52 -15.23
N THR B 317 -0.48 3.28 -15.86
CA THR B 317 -0.37 4.75 -15.87
C THR B 317 -1.38 5.46 -14.98
N GLY B 318 -2.16 4.69 -14.23
CA GLY B 318 -3.14 5.25 -13.31
C GLY B 318 -4.15 6.12 -14.03
N GLY B 319 -4.70 5.62 -15.13
CA GLY B 319 -5.60 6.38 -15.96
C GLY B 319 -6.97 6.57 -15.33
N SER B 320 -7.76 7.47 -15.93
CA SER B 320 -9.11 7.75 -15.46
C SER B 320 -10.00 6.52 -15.45
N THR B 321 -10.88 6.44 -14.46
CA THR B 321 -11.87 5.36 -14.38
C THR B 321 -12.91 5.43 -15.49
N ASN B 322 -13.06 6.61 -16.10
CA ASN B 322 -13.95 6.79 -17.25
C ASN B 322 -13.60 5.90 -18.43
N LEU B 323 -12.29 5.70 -18.65
CA LEU B 323 -11.82 4.89 -19.78
C LEU B 323 -12.20 3.42 -19.66
N THR B 324 -12.56 2.98 -18.46
CA THR B 324 -13.05 1.61 -18.27
C THR B 324 -14.36 1.37 -19.00
N MSE B 325 -15.22 2.40 -19.05
CA MSE B 325 -16.46 2.34 -19.83
C MSE B 325 -16.20 2.38 -21.33
O MSE B 325 -16.85 1.67 -22.09
CB MSE B 325 -17.40 3.48 -19.46
CG MSE B 325 -18.16 3.33 -18.15
SE MSE B 325 -19.19 4.96 -17.79
CE MSE B 325 -20.94 4.41 -18.39
N HIS B 326 -15.26 3.23 -21.76
CA HIS B 326 -14.96 3.43 -23.17
C HIS B 326 -14.24 2.24 -23.80
N ILE B 327 -13.30 1.66 -23.06
CA ILE B 327 -12.61 0.45 -23.51
C ILE B 327 -13.63 -0.67 -23.72
N VAL B 328 -14.51 -0.87 -22.75
CA VAL B 328 -15.56 -1.87 -22.83
C VAL B 328 -16.47 -1.63 -24.05
N ALA B 329 -16.96 -0.40 -24.19
CA ALA B 329 -17.82 -0.01 -25.30
C ALA B 329 -17.16 -0.21 -26.68
N ALA B 330 -15.90 0.21 -26.79
CA ALA B 330 -15.16 0.06 -28.03
C ALA B 330 -14.88 -1.41 -28.32
N ALA B 331 -14.51 -2.16 -27.28
CA ALA B 331 -14.29 -3.60 -27.42
C ALA B 331 -15.55 -4.29 -27.92
N ARG B 332 -16.69 -3.94 -27.32
CA ARG B 332 -17.96 -4.58 -27.64
C ARG B 332 -18.30 -4.45 -29.13
N ALA B 333 -18.08 -3.25 -29.67
CA ALA B 333 -18.30 -2.98 -31.10
C ALA B 333 -17.51 -3.94 -31.99
N ALA B 334 -16.41 -4.45 -31.47
CA ALA B 334 -15.55 -5.34 -32.23
C ALA B 334 -15.75 -6.80 -31.83
N GLY B 335 -16.90 -7.08 -31.22
CA GLY B 335 -17.25 -8.44 -30.83
C GLY B 335 -16.58 -8.98 -29.58
N ILE B 336 -15.89 -8.09 -28.85
CA ILE B 336 -15.12 -8.49 -27.67
C ILE B 336 -15.80 -8.05 -26.37
N ILE B 337 -16.13 -9.03 -25.54
CA ILE B 337 -16.84 -8.79 -24.29
C ILE B 337 -15.83 -8.73 -23.14
N VAL B 338 -15.75 -7.56 -22.50
CA VAL B 338 -14.87 -7.35 -21.36
C VAL B 338 -15.73 -6.88 -20.19
N ASN B 339 -15.46 -7.38 -18.99
CA ASN B 339 -16.21 -6.95 -17.80
C ASN B 339 -15.33 -6.53 -16.63
N TRP B 340 -15.93 -6.15 -15.51
CA TRP B 340 -15.18 -5.66 -14.37
C TRP B 340 -14.28 -6.70 -13.71
N ASP B 341 -14.67 -7.98 -13.79
CA ASP B 341 -13.82 -9.07 -13.29
C ASP B 341 -12.45 -9.06 -13.97
N ASP B 342 -12.44 -8.77 -15.27
CA ASP B 342 -11.20 -8.69 -16.06
C ASP B 342 -10.33 -7.52 -15.59
N PHE B 343 -10.96 -6.36 -15.43
CA PHE B 343 -10.27 -5.18 -14.90
C PHE B 343 -9.69 -5.42 -13.50
N SER B 344 -10.51 -5.96 -12.61
CA SER B 344 -10.09 -6.21 -11.23
C SER B 344 -8.94 -7.23 -11.14
N GLU B 345 -8.98 -8.26 -12.00
CA GLU B 345 -7.95 -9.29 -11.98
C GLU B 345 -6.65 -8.83 -12.63
N LEU B 346 -6.74 -8.05 -13.70
CA LEU B 346 -5.57 -7.47 -14.33
C LEU B 346 -4.91 -6.47 -13.40
N SER B 347 -5.74 -5.69 -12.69
CA SER B 347 -5.27 -4.69 -11.73
C SER B 347 -4.30 -5.27 -10.69
N ASP B 348 -4.66 -6.43 -10.14
CA ASP B 348 -3.84 -7.12 -9.13
C ASP B 348 -2.49 -7.56 -9.64
N ALA B 349 -2.32 -7.59 -10.97
CA ALA B 349 -1.09 -8.07 -11.60
C ALA B 349 -0.27 -6.97 -12.31
N VAL B 350 -0.86 -5.79 -12.48
CA VAL B 350 -0.16 -4.70 -13.16
C VAL B 350 0.29 -3.61 -12.17
N PRO B 351 1.61 -3.39 -12.06
CA PRO B 351 2.12 -2.38 -11.15
C PRO B 351 1.92 -0.96 -11.70
N LEU B 352 1.84 0.02 -10.80
CA LEU B 352 1.75 1.41 -11.16
C LEU B 352 3.16 1.96 -11.47
N LEU B 353 3.35 2.42 -12.70
CA LEU B 353 4.66 2.89 -13.15
C LEU B 353 4.74 4.40 -13.39
N ALA B 354 3.59 5.07 -13.41
CA ALA B 354 3.56 6.49 -13.77
C ALA B 354 2.73 7.34 -12.83
N ARG B 355 3.18 8.58 -12.64
CA ARG B 355 2.46 9.59 -11.87
C ARG B 355 2.25 10.85 -12.71
N VAL B 356 1.09 10.94 -13.36
CA VAL B 356 0.74 12.07 -14.22
C VAL B 356 -0.30 12.97 -13.53
N TYR B 357 -0.40 14.23 -14.01
CA TYR B 357 -1.06 15.34 -13.30
C TYR B 357 -2.18 14.99 -12.31
N PRO B 358 -3.28 14.37 -12.77
CA PRO B 358 -4.35 14.16 -11.80
C PRO B 358 -3.81 13.45 -10.56
N ASN B 359 -3.07 12.36 -10.78
CA ASN B 359 -2.53 11.55 -9.69
C ASN B 359 -1.07 11.89 -9.39
N GLY B 360 -0.74 13.18 -9.46
CA GLY B 360 0.61 13.69 -9.21
C GLY B 360 0.68 15.20 -9.35
N HIS B 361 1.77 15.70 -9.93
CA HIS B 361 1.90 17.11 -10.25
C HIS B 361 2.43 17.27 -11.68
N ALA B 362 3.24 16.30 -12.10
CA ALA B 362 3.83 16.27 -13.42
C ALA B 362 2.79 16.10 -14.53
N ASP B 363 2.90 16.95 -15.56
CA ASP B 363 2.05 16.83 -16.74
C ASP B 363 2.62 15.81 -17.73
N ILE B 364 2.04 15.73 -18.92
CA ILE B 364 2.41 14.73 -19.93
C ILE B 364 3.81 14.96 -20.54
N ASN B 365 4.19 16.24 -20.70
CA ASN B 365 5.51 16.59 -21.25
C ASN B 365 6.63 16.18 -20.29
N HIS B 366 6.35 16.29 -18.99
CA HIS B 366 7.27 15.86 -17.94
C HIS B 366 7.41 14.34 -17.97
N PHE B 367 6.28 13.66 -18.16
CA PHE B 367 6.25 12.21 -18.31
C PHE B 367 7.09 11.75 -19.51
N HIS B 368 6.92 12.41 -20.65
CA HIS B 368 7.64 12.05 -21.87
C HIS B 368 9.15 12.21 -21.76
N ALA B 369 9.58 13.29 -21.10
CA ALA B 369 11.00 13.56 -20.89
C ALA B 369 11.66 12.50 -20.00
N ALA B 370 10.88 11.91 -19.10
CA ALA B 370 11.38 10.89 -18.18
C ALA B 370 11.68 9.55 -18.87
N GLY B 371 11.07 9.35 -20.03
CA GLY B 371 11.20 8.09 -20.76
C GLY B 371 10.01 7.88 -21.68
N GLY B 372 8.83 8.31 -21.24
CA GLY B 372 7.62 8.26 -22.05
C GLY B 372 7.04 6.87 -22.23
N MSE B 373 6.31 6.68 -23.33
CA MSE B 373 5.66 5.40 -23.62
C MSE B 373 6.66 4.35 -24.05
O MSE B 373 6.54 3.19 -23.66
CB MSE B 373 4.56 5.56 -24.69
CG MSE B 373 3.33 6.30 -24.23
SE MSE B 373 2.45 5.50 -22.69
CE MSE B 373 1.60 3.99 -23.58
N ALA B 374 7.64 4.74 -24.86
CA ALA B 374 8.68 3.84 -25.33
C ALA B 374 9.32 3.04 -24.19
N PHE B 375 9.62 3.74 -23.08
CA PHE B 375 10.15 3.12 -21.89
C PHE B 375 9.07 2.28 -21.20
N LEU B 376 7.85 2.81 -21.13
CA LEU B 376 6.74 2.14 -20.47
C LEU B 376 6.40 0.83 -21.17
N ILE B 377 6.23 0.89 -22.49
CA ILE B 377 5.95 -0.29 -23.31
C ILE B 377 7.05 -1.33 -23.15
N LYS B 378 8.31 -0.90 -23.15
CA LYS B 378 9.45 -1.82 -23.01
C LYS B 378 9.48 -2.50 -21.65
N GLU B 379 9.16 -1.75 -20.59
CA GLU B 379 9.12 -2.30 -19.24
C GLU B 379 8.04 -3.37 -19.13
N LEU B 380 6.87 -3.09 -19.71
CA LEU B 380 5.74 -3.99 -19.62
C LEU B 380 5.87 -5.22 -20.54
N LEU B 381 6.47 -5.02 -21.71
CA LEU B 381 6.79 -6.13 -22.60
C LEU B 381 7.76 -7.12 -21.94
N ASP B 382 8.80 -6.59 -21.30
CA ASP B 382 9.84 -7.39 -20.66
C ASP B 382 9.34 -8.21 -19.47
N ALA B 383 8.29 -7.70 -18.81
CA ALA B 383 7.67 -8.40 -17.70
C ALA B 383 6.56 -9.33 -18.16
N GLY B 384 6.30 -9.36 -19.46
CA GLY B 384 5.24 -10.18 -20.04
C GLY B 384 3.86 -9.69 -19.65
N LEU B 385 3.68 -8.38 -19.67
CA LEU B 385 2.43 -7.76 -19.22
C LEU B 385 1.64 -7.18 -20.37
N LEU B 386 2.32 -7.01 -21.51
CA LEU B 386 1.70 -6.63 -22.77
C LEU B 386 1.99 -7.70 -23.81
N HIS B 387 0.96 -8.07 -24.58
CA HIS B 387 1.10 -9.01 -25.68
C HIS B 387 1.89 -8.39 -26.82
N GLU B 388 3.04 -8.98 -27.14
CA GLU B 388 3.89 -8.47 -28.23
C GLU B 388 3.35 -8.86 -29.60
N ASP B 389 2.74 -10.04 -29.68
CA ASP B 389 2.30 -10.62 -30.95
C ASP B 389 1.00 -9.99 -31.45
N VAL B 390 1.06 -8.71 -31.79
CA VAL B 390 -0.10 -8.00 -32.32
C VAL B 390 0.25 -7.23 -33.59
N ASN B 391 -0.69 -7.17 -34.52
CA ASN B 391 -0.56 -6.29 -35.67
C ASN B 391 -0.90 -4.86 -35.25
N THR B 392 -0.05 -3.92 -35.63
CA THR B 392 -0.28 -2.50 -35.36
C THR B 392 -0.34 -1.75 -36.69
N VAL B 393 -0.70 -0.47 -36.65
CA VAL B 393 -0.73 0.36 -37.86
C VAL B 393 0.68 0.63 -38.39
N ALA B 394 1.69 0.37 -37.56
CA ALA B 394 3.09 0.54 -37.95
C ALA B 394 3.74 -0.78 -38.37
N GLY B 395 2.95 -1.86 -38.34
CA GLY B 395 3.44 -3.19 -38.70
C GLY B 395 3.37 -4.16 -37.55
N TYR B 396 3.69 -5.42 -37.82
CA TYR B 396 3.55 -6.48 -36.81
C TYR B 396 4.55 -6.36 -35.66
N GLY B 397 4.05 -6.60 -34.45
CA GLY B 397 4.89 -6.64 -33.27
C GLY B 397 4.88 -5.33 -32.52
N LEU B 398 4.45 -5.37 -31.26
CA LEU B 398 4.39 -4.19 -30.40
C LEU B 398 5.77 -3.64 -30.03
N ARG B 399 6.81 -4.43 -30.25
CA ARG B 399 8.17 -4.02 -29.95
C ARG B 399 8.57 -2.77 -30.76
N ARG B 400 7.78 -2.45 -31.78
CA ARG B 400 7.96 -1.24 -32.60
C ARG B 400 7.63 0.03 -31.83
N TYR B 401 6.81 -0.12 -30.79
CA TYR B 401 6.38 1.00 -29.97
C TYR B 401 7.36 1.36 -28.85
N THR B 402 8.57 0.77 -28.92
CA THR B 402 9.65 1.12 -28.02
C THR B 402 10.68 2.02 -28.72
N GLN B 403 10.34 2.44 -29.94
CA GLN B 403 11.15 3.38 -30.72
C GLN B 403 10.48 4.74 -30.81
N GLU B 404 11.29 5.78 -30.94
CA GLU B 404 10.78 7.16 -30.94
C GLU B 404 11.04 7.85 -32.29
N PRO B 405 10.06 8.64 -32.77
CA PRO B 405 10.26 9.38 -34.01
C PRO B 405 11.16 10.59 -33.79
N LYS B 406 12.19 10.71 -34.61
CA LYS B 406 13.17 11.79 -34.51
C LYS B 406 13.40 12.41 -35.87
N LEU B 407 13.47 13.74 -35.92
CA LEU B 407 13.71 14.44 -37.18
C LEU B 407 15.20 14.72 -37.37
N LEU B 408 15.88 13.81 -38.07
CA LEU B 408 17.33 13.86 -38.24
C LEU B 408 17.70 14.20 -39.68
N ASP B 409 18.44 15.30 -39.86
CA ASP B 409 18.83 15.81 -41.19
C ASP B 409 17.62 16.12 -42.07
N GLY B 410 16.54 16.62 -41.47
CA GLY B 410 15.31 16.93 -42.19
C GLY B 410 14.53 15.71 -42.66
N GLU B 411 14.92 14.53 -42.17
CA GLU B 411 14.26 13.29 -42.54
C GLU B 411 13.79 12.54 -41.29
N LEU B 412 12.50 12.17 -41.29
CA LEU B 412 11.89 11.43 -40.18
C LEU B 412 12.43 10.00 -40.09
N ARG B 413 12.84 9.61 -38.87
CA ARG B 413 13.31 8.26 -38.60
C ARG B 413 13.02 7.84 -37.15
N TRP B 414 12.76 6.54 -36.96
CA TRP B 414 12.52 5.97 -35.64
C TRP B 414 13.78 5.35 -35.04
N VAL B 415 14.16 5.83 -33.86
CA VAL B 415 15.31 5.28 -33.12
C VAL B 415 14.86 4.63 -31.81
N ASP B 416 15.62 3.65 -31.35
CA ASP B 416 15.33 2.93 -30.11
C ASP B 416 15.16 3.88 -28.92
N GLY B 417 14.19 3.58 -28.07
CA GLY B 417 13.84 4.44 -26.95
C GLY B 417 14.65 4.18 -25.69
N PRO B 418 14.42 5.01 -24.65
CA PRO B 418 15.04 4.90 -23.33
C PRO B 418 14.87 3.52 -22.70
N THR B 419 15.90 3.07 -21.98
CA THR B 419 15.86 1.81 -21.25
C THR B 419 15.90 2.07 -19.75
N VAL B 420 16.03 3.35 -19.40
CA VAL B 420 16.13 3.80 -18.02
C VAL B 420 15.16 4.97 -17.85
N SER B 421 14.85 5.34 -16.61
CA SER B 421 14.03 6.51 -16.35
C SER B 421 14.88 7.64 -15.78
N LEU B 422 14.68 8.84 -16.30
CA LEU B 422 15.45 10.01 -15.87
C LEU B 422 14.80 10.70 -14.68
N ASP B 423 13.54 10.34 -14.41
CA ASP B 423 12.83 10.80 -13.23
C ASP B 423 11.93 9.69 -12.70
N THR B 424 12.43 8.97 -11.70
CA THR B 424 11.76 7.81 -11.12
C THR B 424 10.70 8.18 -10.07
N GLU B 425 10.50 9.47 -9.87
CA GLU B 425 9.44 9.96 -9.01
C GLU B 425 8.17 10.18 -9.82
N VAL B 426 8.32 10.13 -11.16
CA VAL B 426 7.21 10.34 -12.09
C VAL B 426 6.99 9.09 -12.95
N LEU B 427 8.07 8.40 -13.29
CA LEU B 427 8.03 7.22 -14.14
C LEU B 427 9.08 6.22 -13.66
N THR B 428 8.65 4.99 -13.42
CA THR B 428 9.54 4.00 -12.83
C THR B 428 9.42 2.62 -13.50
N SER B 429 10.42 1.77 -13.27
CA SER B 429 10.44 0.43 -13.84
C SER B 429 9.53 -0.51 -13.05
N VAL B 430 9.24 -1.69 -13.62
CA VAL B 430 8.41 -2.68 -12.92
C VAL B 430 9.12 -3.31 -11.72
N ALA B 431 10.45 -3.27 -11.71
CA ALA B 431 11.24 -3.82 -10.61
C ALA B 431 11.11 -2.98 -9.33
N THR B 432 10.95 -1.67 -9.50
CA THR B 432 10.76 -0.76 -8.37
C THR B 432 9.55 0.13 -8.60
N PRO B 433 8.33 -0.46 -8.53
CA PRO B 433 7.14 0.30 -8.90
C PRO B 433 6.67 1.26 -7.81
N PHE B 434 5.74 2.14 -8.15
CA PHE B 434 5.10 3.00 -7.17
C PHE B 434 4.19 2.19 -6.25
N GLN B 435 3.43 1.26 -6.83
CA GLN B 435 2.63 0.28 -6.11
C GLN B 435 2.65 -0.99 -6.94
N ASN B 436 2.41 -2.14 -6.31
CA ASN B 436 2.50 -3.43 -7.01
C ASN B 436 1.21 -3.82 -7.74
N ASN B 437 0.24 -2.91 -7.75
CA ASN B 437 -1.06 -3.14 -8.37
C ASN B 437 -1.70 -1.87 -8.94
N GLY B 438 -2.67 -2.06 -9.83
CA GLY B 438 -3.34 -0.95 -10.53
C GLY B 438 -4.44 -0.23 -9.74
N GLY B 439 -4.78 -0.76 -8.58
CA GLY B 439 -5.70 -0.09 -7.66
C GLY B 439 -7.17 -0.08 -8.02
N LEU B 440 -7.57 -0.84 -9.03
CA LEU B 440 -8.97 -0.91 -9.45
C LEU B 440 -9.58 -2.17 -8.88
N LYS B 441 -10.51 -2.03 -7.95
CA LYS B 441 -11.18 -3.20 -7.38
C LYS B 441 -12.66 -3.26 -7.74
N LEU B 442 -13.16 -4.48 -7.91
CA LEU B 442 -14.58 -4.71 -8.16
C LEU B 442 -15.33 -4.92 -6.84
N LEU B 443 -16.47 -4.23 -6.70
CA LEU B 443 -17.31 -4.40 -5.52
C LEU B 443 -18.63 -5.09 -5.87
N LYS B 444 -19.02 -6.05 -5.02
CA LYS B 444 -20.15 -6.96 -5.25
C LYS B 444 -21.03 -7.08 -4.01
N GLY B 445 -22.35 -7.20 -4.20
CA GLY B 445 -23.27 -7.49 -3.10
C GLY B 445 -24.72 -7.22 -3.45
N ASN B 446 -25.58 -7.18 -2.42
CA ASN B 446 -27.02 -7.00 -2.65
C ASN B 446 -27.35 -5.66 -3.34
N LEU B 447 -26.49 -4.68 -3.14
CA LEU B 447 -26.62 -3.36 -3.77
C LEU B 447 -26.29 -3.38 -5.26
N GLY B 448 -25.70 -4.47 -5.73
CA GLY B 448 -25.34 -4.63 -7.14
C GLY B 448 -23.84 -4.74 -7.33
N ARG B 449 -23.34 -4.10 -8.39
CA ARG B 449 -21.90 -4.06 -8.68
C ARG B 449 -21.40 -2.63 -8.88
N ALA B 450 -20.14 -2.41 -8.49
CA ALA B 450 -19.50 -1.10 -8.60
C ALA B 450 -17.98 -1.29 -8.72
N VAL B 451 -17.27 -0.19 -8.99
CA VAL B 451 -15.81 -0.22 -8.95
C VAL B 451 -15.26 0.85 -8.00
N ILE B 452 -14.01 0.68 -7.58
CA ILE B 452 -13.36 1.59 -6.66
C ILE B 452 -11.87 1.69 -6.94
N LYS B 453 -11.34 2.91 -6.92
CA LYS B 453 -9.90 3.15 -6.95
C LYS B 453 -9.35 3.31 -5.54
N VAL B 454 -8.49 2.38 -5.13
CA VAL B 454 -7.93 2.41 -3.78
C VAL B 454 -6.49 2.91 -3.76
N SER B 455 -5.98 3.24 -4.96
CA SER B 455 -4.61 3.71 -5.15
C SER B 455 -4.19 4.84 -4.22
N ALA B 456 -5.09 5.80 -4.01
CA ALA B 456 -4.82 6.98 -3.19
C ALA B 456 -5.50 6.86 -1.82
N VAL B 457 -6.12 5.72 -1.58
CA VAL B 457 -6.80 5.46 -0.32
C VAL B 457 -5.92 4.57 0.54
N GLN B 458 -5.52 5.08 1.69
CA GLN B 458 -4.71 4.31 2.63
C GLN B 458 -5.52 3.11 3.13
N PRO B 459 -4.86 1.93 3.28
CA PRO B 459 -5.55 0.70 3.68
C PRO B 459 -6.58 0.86 4.81
N GLN B 460 -6.26 1.62 5.84
CA GLN B 460 -7.17 1.79 6.99
C GLN B 460 -8.44 2.60 6.65
N HIS B 461 -8.49 3.17 5.46
CA HIS B 461 -9.69 3.85 4.99
C HIS B 461 -10.46 3.05 3.93
N ARG B 462 -9.96 1.86 3.61
CA ARG B 462 -10.55 1.08 2.51
C ARG B 462 -11.81 0.30 2.90
N VAL B 463 -12.14 0.32 4.19
CA VAL B 463 -13.28 -0.42 4.70
C VAL B 463 -14.10 0.47 5.60
N VAL B 464 -15.31 0.80 5.16
CA VAL B 464 -16.19 1.68 5.93
C VAL B 464 -17.56 1.04 6.08
N GLU B 465 -17.93 0.75 7.31
CA GLU B 465 -19.30 0.35 7.62
C GLU B 465 -19.94 1.42 8.50
N ALA B 466 -20.90 2.14 7.93
CA ALA B 466 -21.49 3.30 8.61
C ALA B 466 -22.93 3.57 8.14
N PRO B 467 -23.72 4.31 8.94
CA PRO B 467 -25.08 4.69 8.52
C PRO B 467 -25.08 5.53 7.25
N ALA B 468 -26.12 5.37 6.44
CA ALA B 468 -26.22 6.05 5.16
C ALA B 468 -26.79 7.47 5.27
N VAL B 469 -26.27 8.36 4.44
CA VAL B 469 -26.90 9.67 4.22
C VAL B 469 -27.14 9.80 2.71
N VAL B 470 -28.40 9.93 2.34
CA VAL B 470 -28.81 9.83 0.94
C VAL B 470 -29.17 11.17 0.32
N ILE B 471 -28.55 11.46 -0.82
CA ILE B 471 -28.93 12.59 -1.65
C ILE B 471 -29.17 12.15 -3.09
N ASP B 472 -29.98 12.92 -3.82
CA ASP B 472 -30.27 12.63 -5.22
C ASP B 472 -29.69 13.70 -6.16
N ASP B 473 -28.81 14.53 -5.62
CA ASP B 473 -28.24 15.67 -6.32
C ASP B 473 -27.02 16.12 -5.54
N GLN B 474 -25.87 16.16 -6.22
CA GLN B 474 -24.61 16.52 -5.58
C GLN B 474 -24.63 17.91 -4.93
N ASN B 475 -25.53 18.78 -5.40
CA ASN B 475 -25.67 20.13 -4.86
C ASN B 475 -26.32 20.16 -3.48
N LYS B 476 -26.92 19.04 -3.08
CA LYS B 476 -27.52 18.94 -1.75
C LYS B 476 -26.51 18.58 -0.68
N LEU B 477 -25.31 18.16 -1.09
CA LEU B 477 -24.28 17.79 -0.13
C LEU B 477 -23.82 18.97 0.74
N ASP B 478 -23.60 20.12 0.11
CA ASP B 478 -23.11 21.30 0.81
C ASP B 478 -23.90 21.63 2.08
N ALA B 479 -25.22 21.67 1.97
CA ALA B 479 -26.09 21.96 3.11
C ALA B 479 -26.00 20.91 4.22
N LEU B 480 -25.90 19.64 3.84
CA LEU B 480 -25.65 18.57 4.81
C LEU B 480 -24.34 18.80 5.56
N PHE B 481 -23.29 19.10 4.79
CA PHE B 481 -21.96 19.31 5.35
C PHE B 481 -21.87 20.54 6.26
N LYS B 482 -22.42 21.65 5.79
CA LYS B 482 -22.41 22.92 6.53
C LYS B 482 -23.13 22.82 7.89
N SER B 483 -24.22 22.06 7.93
CA SER B 483 -25.04 21.94 9.14
C SER B 483 -24.43 21.03 10.21
N GLY B 484 -23.39 20.30 9.87
CA GLY B 484 -22.76 19.37 10.80
C GLY B 484 -23.37 17.97 10.79
N ALA B 485 -24.28 17.73 9.85
CA ALA B 485 -24.96 16.46 9.70
C ALA B 485 -24.04 15.30 9.29
N LEU B 486 -22.87 15.64 8.73
CA LEU B 486 -21.93 14.63 8.25
C LEU B 486 -20.73 14.47 9.17
N ASP B 487 -20.74 15.20 10.30
CA ASP B 487 -19.66 15.13 11.27
C ASP B 487 -19.78 13.86 12.11
N ARG B 488 -19.55 12.73 11.46
CA ARG B 488 -19.73 11.39 12.04
C ARG B 488 -19.35 10.35 10.99
N ASP B 489 -19.24 9.09 11.43
CA ASP B 489 -19.11 7.97 10.51
C ASP B 489 -20.37 7.90 9.65
N CYS B 490 -20.18 7.84 8.34
CA CYS B 490 -21.29 7.72 7.39
C CYS B 490 -20.82 7.35 5.99
N VAL B 491 -21.76 6.78 5.22
CA VAL B 491 -21.57 6.53 3.81
C VAL B 491 -22.53 7.47 3.07
N VAL B 492 -21.98 8.41 2.33
CA VAL B 492 -22.79 9.36 1.56
C VAL B 492 -23.22 8.71 0.25
N VAL B 493 -24.54 8.55 0.09
CA VAL B 493 -25.14 7.92 -1.07
C VAL B 493 -25.69 8.98 -2.02
N VAL B 494 -25.13 9.05 -3.22
CA VAL B 494 -25.61 9.98 -4.24
C VAL B 494 -26.28 9.21 -5.38
N LYS B 495 -27.60 9.27 -5.41
CA LYS B 495 -28.39 8.50 -6.38
C LYS B 495 -28.98 9.35 -7.52
N GLY B 496 -29.39 8.67 -8.58
CA GLY B 496 -29.97 9.35 -9.73
C GLY B 496 -28.92 10.08 -10.54
N GLN B 497 -27.71 9.50 -10.57
CA GLN B 497 -26.56 10.08 -11.27
C GLN B 497 -26.03 9.16 -12.37
N GLY B 498 -26.74 8.06 -12.62
CA GLY B 498 -26.38 7.14 -13.69
C GLY B 498 -26.63 7.66 -15.09
N PRO B 499 -26.20 6.90 -16.11
CA PRO B 499 -26.44 7.19 -17.52
C PRO B 499 -27.91 7.49 -17.84
N LYS B 500 -28.81 6.62 -17.39
CA LYS B 500 -30.24 6.78 -17.68
C LYS B 500 -30.87 7.95 -16.91
N ALA B 501 -30.36 8.23 -15.72
CA ALA B 501 -30.95 9.27 -14.87
C ALA B 501 -30.72 10.69 -15.39
N ASN B 502 -29.47 11.03 -15.67
CA ASN B 502 -29.08 12.40 -16.05
C ASN B 502 -27.85 12.48 -16.95
N GLY B 503 -27.58 11.42 -17.70
CA GLY B 503 -26.44 11.37 -18.62
C GLY B 503 -25.11 11.10 -17.95
N MSE B 504 -25.18 10.68 -16.68
CA MSE B 504 -24.00 10.40 -15.86
C MSE B 504 -22.92 11.48 -15.88
O MSE B 504 -21.81 11.23 -16.37
CB MSE B 504 -23.42 9.04 -16.22
CG MSE B 504 -22.61 8.38 -15.13
SE MSE B 504 -21.59 6.91 -15.86
CE MSE B 504 -20.89 7.85 -17.44
N PRO B 505 -23.24 12.70 -15.38
CA PRO B 505 -22.21 13.75 -15.36
C PRO B 505 -21.13 13.52 -14.30
N GLU B 506 -19.92 13.97 -14.59
CA GLU B 506 -18.82 13.95 -13.62
C GLU B 506 -19.19 14.81 -12.41
N LEU B 507 -19.23 14.19 -11.24
CA LEU B 507 -19.61 14.89 -10.02
C LEU B 507 -18.37 15.41 -9.30
N HIS B 508 -18.14 16.72 -9.36
CA HIS B 508 -16.91 17.32 -8.84
C HIS B 508 -17.03 17.91 -7.43
N LYS B 509 -18.26 17.98 -6.92
CA LYS B 509 -18.55 18.63 -5.63
C LYS B 509 -18.69 17.64 -4.47
N LEU B 510 -18.13 16.45 -4.62
CA LEU B 510 -18.29 15.39 -3.64
C LEU B 510 -17.05 15.09 -2.77
N THR B 511 -15.92 14.75 -3.42
CA THR B 511 -14.72 14.33 -2.71
C THR B 511 -14.05 15.39 -1.82
N PRO B 512 -14.00 16.67 -2.27
CA PRO B 512 -13.37 17.68 -1.40
C PRO B 512 -13.95 17.74 0.02
N LEU B 513 -15.27 17.87 0.14
CA LEU B 513 -15.91 17.93 1.46
C LEU B 513 -15.73 16.65 2.29
N LEU B 514 -15.78 15.49 1.64
CA LEU B 514 -15.60 14.21 2.33
C LEU B 514 -14.18 14.01 2.84
N GLY B 515 -13.21 14.55 2.11
CA GLY B 515 -11.81 14.50 2.51
C GLY B 515 -11.54 15.18 3.84
N SER B 516 -12.13 16.36 4.03
CA SER B 516 -11.93 17.13 5.26
C SER B 516 -12.62 16.46 6.46
N LEU B 517 -13.58 15.60 6.16
CA LEU B 517 -14.32 14.84 7.16
C LEU B 517 -13.51 13.63 7.61
N GLN B 518 -12.81 13.00 6.67
CA GLN B 518 -11.89 11.90 6.94
C GLN B 518 -10.68 12.39 7.74
N ASP B 519 -10.17 13.56 7.37
CA ASP B 519 -9.09 14.24 8.11
C ASP B 519 -9.38 14.51 9.57
N LYS B 520 -10.66 14.59 9.94
CA LYS B 520 -11.06 14.75 11.35
C LYS B 520 -11.27 13.41 12.07
N GLY B 521 -11.07 12.31 11.34
CA GLY B 521 -11.06 10.98 11.96
C GLY B 521 -12.33 10.18 11.79
N PHE B 522 -13.30 10.75 11.10
CA PHE B 522 -14.55 10.03 10.82
C PHE B 522 -14.34 9.01 9.71
N LYS B 523 -14.96 7.84 9.88
CA LYS B 523 -14.94 6.80 8.85
C LYS B 523 -15.98 7.17 7.80
N VAL B 524 -15.51 7.77 6.70
CA VAL B 524 -16.42 8.23 5.65
C VAL B 524 -16.23 7.48 4.35
N ALA B 525 -17.33 7.35 3.60
CA ALA B 525 -17.31 6.69 2.31
C ALA B 525 -18.35 7.31 1.40
N LEU B 526 -18.16 7.11 0.10
CA LEU B 526 -19.02 7.65 -0.94
C LEU B 526 -19.55 6.51 -1.78
N MSE B 527 -20.84 6.54 -2.11
CA MSE B 527 -21.43 5.53 -2.97
C MSE B 527 -22.40 6.17 -3.95
O MSE B 527 -23.35 6.86 -3.56
CB MSE B 527 -22.12 4.45 -2.15
CG MSE B 527 -22.63 3.29 -2.98
SE MSE B 527 -23.63 2.00 -1.93
CE MSE B 527 -25.42 2.79 -1.97
N THR B 528 -22.16 5.94 -5.24
CA THR B 528 -22.95 6.57 -6.30
C THR B 528 -23.16 5.65 -7.51
N ASP B 529 -24.33 5.80 -8.14
CA ASP B 529 -24.60 5.16 -9.42
C ASP B 529 -23.99 5.96 -10.59
N GLY B 530 -23.30 7.04 -10.25
CA GLY B 530 -22.58 7.86 -11.22
C GLY B 530 -21.08 7.76 -11.07
N ARG B 531 -20.40 8.91 -11.24
CA ARG B 531 -18.94 8.97 -11.27
C ARG B 531 -18.44 10.34 -10.82
N MSE B 532 -17.17 10.41 -10.46
CA MSE B 532 -16.51 11.66 -10.07
C MSE B 532 -15.74 12.21 -11.27
O MSE B 532 -16.15 12.02 -12.41
CB MSE B 532 -15.56 11.43 -8.89
CG MSE B 532 -15.94 10.25 -7.99
SE MSE B 532 -17.72 10.47 -7.24
CE MSE B 532 -17.32 12.05 -6.20
N SER B 533 -14.62 12.87 -11.00
CA SER B 533 -13.80 13.47 -12.04
C SER B 533 -13.05 12.42 -12.88
N GLY B 534 -12.88 11.23 -12.32
CA GLY B 534 -12.07 10.18 -12.96
C GLY B 534 -10.76 9.99 -12.22
N ALA B 535 -10.35 10.99 -11.45
CA ALA B 535 -9.16 10.91 -10.62
C ALA B 535 -9.35 9.99 -9.40
N SER B 536 -8.25 9.63 -8.76
CA SER B 536 -8.27 8.79 -7.57
C SER B 536 -8.01 9.65 -6.35
N GLY B 537 -8.92 9.60 -5.38
CA GLY B 537 -8.80 10.42 -4.18
C GLY B 537 -8.53 9.60 -2.94
N LYS B 538 -8.50 10.28 -1.80
CA LYS B 538 -8.17 9.66 -0.52
C LYS B 538 -9.38 8.99 0.17
N VAL B 539 -10.58 9.28 -0.34
CA VAL B 539 -11.83 8.77 0.23
C VAL B 539 -12.33 7.56 -0.58
N PRO B 540 -12.65 6.45 0.10
CA PRO B 540 -13.23 5.29 -0.60
C PRO B 540 -14.52 5.68 -1.30
N ALA B 541 -14.62 5.34 -2.58
CA ALA B 541 -15.78 5.69 -3.37
C ALA B 541 -16.20 4.54 -4.26
N ALA B 542 -17.38 3.99 -3.97
CA ALA B 542 -18.00 3.01 -4.85
C ALA B 542 -18.75 3.78 -5.92
N ILE B 543 -18.28 3.66 -7.16
CA ILE B 543 -18.83 4.40 -8.30
C ILE B 543 -19.39 3.47 -9.38
N HIS B 544 -20.11 4.02 -10.35
CA HIS B 544 -20.74 3.25 -11.44
C HIS B 544 -21.70 2.16 -10.93
N LEU B 545 -22.29 2.38 -9.76
CA LEU B 545 -23.14 1.37 -9.13
C LEU B 545 -24.29 0.96 -10.05
N THR B 546 -24.52 -0.35 -10.10
CA THR B 546 -25.45 -0.95 -11.04
C THR B 546 -26.20 -2.12 -10.37
N PRO B 547 -27.55 -2.16 -10.52
CA PRO B 547 -28.34 -1.16 -11.26
C PRO B 547 -28.40 0.21 -10.58
N GLU B 548 -28.52 1.24 -11.39
CA GLU B 548 -28.70 2.60 -10.88
C GLU B 548 -30.10 2.75 -10.29
N ALA B 549 -30.35 3.90 -9.64
CA ALA B 549 -31.61 4.11 -8.92
C ALA B 549 -32.85 3.96 -9.80
N ILE B 550 -32.90 4.67 -10.94
CA ILE B 550 -34.09 4.63 -11.79
C ILE B 550 -34.30 3.30 -12.52
N ASP B 551 -33.25 2.48 -12.54
CA ASP B 551 -33.34 1.12 -13.09
C ASP B 551 -33.82 0.11 -12.05
N GLY B 552 -34.25 0.61 -10.89
CA GLY B 552 -34.77 -0.24 -9.83
C GLY B 552 -33.71 -0.92 -8.99
N GLY B 553 -32.47 -0.46 -9.11
CA GLY B 553 -31.38 -0.95 -8.25
C GLY B 553 -31.63 -0.66 -6.79
N LEU B 554 -31.04 -1.46 -5.91
CA LEU B 554 -31.29 -1.36 -4.48
C LEU B 554 -30.84 -0.02 -3.85
N ILE B 555 -29.95 0.69 -4.52
CA ILE B 555 -29.58 2.06 -4.13
C ILE B 555 -30.83 2.95 -3.90
N ALA B 556 -31.89 2.68 -4.66
CA ALA B 556 -33.12 3.48 -4.60
C ALA B 556 -33.92 3.26 -3.32
N LYS B 557 -33.62 2.19 -2.59
CA LYS B 557 -34.35 1.86 -1.36
C LYS B 557 -33.56 2.19 -0.09
N VAL B 558 -32.30 2.59 -0.26
CA VAL B 558 -31.46 3.01 0.87
C VAL B 558 -32.11 4.21 1.58
N GLN B 559 -32.24 4.11 2.90
CA GLN B 559 -32.83 5.17 3.69
C GLN B 559 -31.81 5.65 4.72
N ASP B 560 -31.88 6.93 5.06
CA ASP B 560 -30.99 7.50 6.08
C ASP B 560 -30.95 6.63 7.33
N GLY B 561 -29.74 6.34 7.81
CA GLY B 561 -29.56 5.50 8.99
C GLY B 561 -29.23 4.05 8.69
N ASP B 562 -29.60 3.58 7.50
CA ASP B 562 -29.26 2.23 7.06
C ASP B 562 -27.75 2.04 7.04
N LEU B 563 -27.33 0.89 7.53
CA LEU B 563 -25.92 0.54 7.61
C LEU B 563 -25.48 0.05 6.22
N ILE B 564 -24.43 0.67 5.68
CA ILE B 564 -23.82 0.22 4.44
C ILE B 564 -22.38 -0.18 4.71
N ARG B 565 -22.00 -1.35 4.20
CA ARG B 565 -20.62 -1.82 4.28
C ARG B 565 -19.95 -1.67 2.91
N VAL B 566 -18.99 -0.76 2.82
CA VAL B 566 -18.12 -0.68 1.63
C VAL B 566 -16.75 -1.24 2.02
N ASP B 567 -16.41 -2.37 1.42
CA ASP B 567 -15.24 -3.14 1.81
C ASP B 567 -14.40 -3.41 0.57
N ALA B 568 -13.41 -2.54 0.34
CA ALA B 568 -12.51 -2.68 -0.79
C ALA B 568 -11.46 -3.76 -0.56
N LEU B 569 -11.28 -4.16 0.70
CA LEU B 569 -10.38 -5.26 1.07
C LEU B 569 -10.86 -6.59 0.50
N THR B 570 -12.13 -6.93 0.74
CA THR B 570 -12.71 -8.20 0.31
C THR B 570 -13.52 -8.08 -0.99
N GLY B 571 -13.85 -6.84 -1.36
CA GLY B 571 -14.67 -6.59 -2.55
C GLY B 571 -16.16 -6.69 -2.29
N GLU B 572 -16.57 -6.31 -1.07
CA GLU B 572 -17.97 -6.41 -0.65
C GLU B 572 -18.66 -5.06 -0.53
N LEU B 573 -19.85 -4.97 -1.11
CA LEU B 573 -20.69 -3.79 -1.01
C LEU B 573 -22.12 -4.20 -0.62
N SER B 574 -22.48 -3.93 0.64
CA SER B 574 -23.72 -4.44 1.22
C SER B 574 -24.55 -3.39 1.95
N LEU B 575 -25.85 -3.45 1.72
CA LEU B 575 -26.84 -2.75 2.53
C LEU B 575 -27.33 -3.70 3.63
N LEU B 576 -27.00 -3.36 4.88
CA LEU B 576 -27.29 -4.22 6.03
C LEU B 576 -28.72 -4.07 6.54
N VAL B 577 -29.64 -4.55 5.73
CA VAL B 577 -31.07 -4.56 6.02
C VAL B 577 -31.65 -5.82 5.38
N SER B 578 -32.61 -6.44 6.08
CA SER B 578 -33.16 -7.73 5.68
C SER B 578 -34.04 -7.61 4.43
N ASP B 579 -34.14 -8.73 3.71
CA ASP B 579 -34.96 -8.80 2.49
C ASP B 579 -36.45 -8.63 2.77
N THR B 580 -36.88 -9.06 3.96
CA THR B 580 -38.26 -8.86 4.39
C THR B 580 -38.53 -7.38 4.67
N GLU B 581 -37.51 -6.66 5.15
CA GLU B 581 -37.64 -5.21 5.39
C GLU B 581 -37.67 -4.42 4.08
N LEU B 582 -36.84 -4.82 3.12
CA LEU B 582 -36.73 -4.10 1.86
C LEU B 582 -37.96 -4.21 0.96
N ALA B 583 -38.59 -5.40 0.97
CA ALA B 583 -39.81 -5.66 0.21
C ALA B 583 -41.00 -4.76 0.60
N THR B 584 -41.01 -4.27 1.84
CA THR B 584 -42.08 -3.39 2.33
C THR B 584 -41.83 -1.92 2.01
N ARG B 585 -40.63 -1.62 1.52
CA ARG B 585 -40.24 -0.24 1.21
C ARG B 585 -40.65 0.16 -0.19
N THR B 586 -41.11 1.40 -0.32
CA THR B 586 -41.34 2.01 -1.63
C THR B 586 -40.25 3.05 -1.86
N ALA B 587 -39.51 2.88 -2.95
CA ALA B 587 -38.44 3.80 -3.31
C ALA B 587 -39.01 5.19 -3.57
N THR B 588 -38.42 6.20 -2.93
CA THR B 588 -38.84 7.59 -3.11
C THR B 588 -38.60 8.04 -4.55
N GLU B 589 -39.50 8.84 -5.08
CA GLU B 589 -39.43 9.31 -6.46
C GLU B 589 -38.29 10.30 -6.64
N ILE B 590 -37.49 10.10 -7.68
CA ILE B 590 -36.47 11.08 -8.05
C ILE B 590 -37.06 12.03 -9.08
N ASP B 591 -37.07 13.32 -8.74
CA ASP B 591 -37.54 14.33 -9.68
C ASP B 591 -36.47 14.63 -10.73
N LEU B 592 -36.71 14.16 -11.94
CA LEU B 592 -35.74 14.29 -13.01
C LEU B 592 -36.15 15.27 -14.13
N ARG B 593 -37.20 16.04 -13.88
CA ARG B 593 -37.72 17.01 -14.86
C ARG B 593 -36.64 17.97 -15.35
N HIS B 594 -35.92 18.58 -14.40
CA HIS B 594 -34.86 19.53 -14.75
C HIS B 594 -33.63 18.87 -15.39
N SER B 595 -33.63 17.55 -15.47
CA SER B 595 -32.60 16.80 -16.18
C SER B 595 -33.05 16.32 -17.57
N ARG B 596 -34.27 16.68 -17.96
CA ARG B 596 -34.84 16.24 -19.24
C ARG B 596 -34.96 17.34 -20.30
N TYR B 597 -34.79 18.60 -19.91
CA TYR B 597 -34.81 19.71 -20.87
C TYR B 597 -33.85 20.84 -20.50
N GLY B 598 -33.61 21.75 -21.43
CA GLY B 598 -32.61 22.79 -21.25
C GLY B 598 -31.26 22.31 -21.75
N MSE B 599 -30.53 23.20 -22.42
CA MSE B 599 -29.24 22.88 -23.07
C MSE B 599 -29.36 21.72 -24.06
O MSE B 599 -28.44 20.93 -24.23
CB MSE B 599 -28.15 22.59 -22.03
CG MSE B 599 -27.86 23.78 -21.15
SE MSE B 599 -26.64 24.99 -22.04
CE MSE B 599 -25.04 24.46 -21.04
N GLY B 600 -30.52 21.63 -24.72
CA GLY B 600 -30.77 20.61 -25.72
C GLY B 600 -30.91 19.20 -25.20
N ARG B 601 -31.11 19.06 -23.89
CA ARG B 601 -31.25 17.74 -23.27
C ARG B 601 -32.50 16.98 -23.76
N GLU B 602 -33.51 17.73 -24.24
CA GLU B 602 -34.73 17.18 -24.84
C GLU B 602 -34.45 16.33 -26.08
N LEU B 603 -33.34 16.61 -26.75
CA LEU B 603 -32.98 15.89 -27.96
C LEU B 603 -32.50 14.47 -27.65
N PHE B 604 -32.06 14.24 -26.41
CA PHE B 604 -31.33 13.02 -26.07
C PHE B 604 -32.11 11.96 -25.29
N GLY B 605 -33.40 12.18 -25.09
CA GLY B 605 -34.22 11.30 -24.25
C GLY B 605 -34.16 9.84 -24.65
N VAL B 606 -34.34 9.58 -25.94
CA VAL B 606 -34.36 8.24 -26.50
C VAL B 606 -33.02 7.52 -26.32
N LEU B 607 -31.92 8.24 -26.55
CA LEU B 607 -30.60 7.69 -26.30
C LEU B 607 -30.37 7.46 -24.80
N ARG B 608 -30.66 8.49 -24.00
CA ARG B 608 -30.45 8.46 -22.55
C ARG B 608 -31.13 7.27 -21.90
N SER B 609 -32.41 7.08 -22.21
CA SER B 609 -33.19 6.01 -21.59
C SER B 609 -32.76 4.63 -22.10
N ASN B 610 -31.86 4.60 -23.07
CA ASN B 610 -31.33 3.35 -23.60
C ASN B 610 -29.85 3.10 -23.34
N LEU B 611 -29.17 4.01 -22.62
CA LEU B 611 -27.78 3.76 -22.21
C LEU B 611 -27.72 2.57 -21.27
N SER B 612 -26.97 1.53 -21.67
CA SER B 612 -26.77 0.38 -20.81
C SER B 612 -25.92 0.76 -19.57
N SER B 613 -25.76 -0.19 -18.65
CA SER B 613 -24.95 0.00 -17.45
C SER B 613 -23.47 0.32 -17.77
N PRO B 614 -22.79 1.03 -16.85
CA PRO B 614 -21.34 1.27 -16.98
C PRO B 614 -20.45 0.05 -17.29
N GLU B 615 -20.78 -1.14 -16.75
CA GLU B 615 -19.99 -2.35 -17.02
C GLU B 615 -20.09 -2.83 -18.46
N THR B 616 -21.20 -2.54 -19.14
CA THR B 616 -21.35 -2.92 -20.55
C THR B 616 -21.01 -1.77 -21.49
N GLY B 617 -20.36 -0.73 -20.95
CA GLY B 617 -19.81 0.37 -21.76
C GLY B 617 -20.62 1.65 -21.85
N ALA B 618 -21.79 1.65 -21.22
CA ALA B 618 -22.80 2.73 -21.34
C ALA B 618 -23.21 2.97 -22.77
N ARG B 619 -23.51 1.87 -23.47
CA ARG B 619 -23.87 1.89 -24.88
C ARG B 619 -25.34 2.17 -25.10
N SER B 620 -25.63 2.98 -26.11
CA SER B 620 -26.98 3.08 -26.65
C SER B 620 -26.99 2.30 -27.96
N THR B 621 -25.80 2.09 -28.51
CA THR B 621 -25.63 1.44 -29.81
C THR B 621 -25.72 -0.08 -29.72
N SER B 622 -25.84 -0.73 -30.88
CA SER B 622 -25.86 -2.18 -30.95
C SER B 622 -24.61 -2.65 -31.72
N ALA B 623 -24.04 -3.79 -31.31
CA ALA B 623 -22.89 -4.36 -32.00
C ALA B 623 -23.36 -5.17 -33.20
N ILE B 624 -22.50 -5.28 -34.21
CA ILE B 624 -22.79 -6.09 -35.40
C ILE B 624 -23.17 -7.53 -35.02
N ASP B 625 -22.41 -8.12 -34.11
CA ASP B 625 -22.62 -9.51 -33.69
C ASP B 625 -23.97 -9.77 -33.00
N GLU B 626 -24.57 -8.71 -32.47
CA GLU B 626 -25.86 -8.82 -31.78
C GLU B 626 -27.02 -8.81 -32.78
N LEU B 627 -26.68 -8.57 -34.05
CA LEU B 627 -27.68 -8.48 -35.11
C LEU B 627 -27.35 -9.40 -36.29
N TYR B 628 -26.10 -9.84 -36.36
CA TYR B 628 -25.63 -10.72 -37.43
C TYR B 628 -26.22 -12.12 -37.31
#